data_6VNQ
#
_entry.id   6VNQ
#
_cell.length_a   80.549
_cell.length_b   80.549
_cell.length_c   245.370
_cell.angle_alpha   90.000
_cell.angle_beta   90.000
_cell.angle_gamma   120.000
#
_symmetry.space_group_name_H-M   'P 31 2 1'
#
loop_
_entity.id
_entity.type
_entity.pdbx_description
1 polymer 'Polyamine deacetylase HDAC10'
2 non-polymer N-hydroxy-1-{[4-(hydroxycarbamoyl)phenyl]methyl}-1H-indole-6-carboxamide
3 non-polymer 1,2-ETHANEDIOL
4 non-polymer 'ZINC ION'
5 non-polymer 'POTASSIUM ION'
6 non-polymer 'PHOSPHATE ION'
7 water water
#
_entity_poly.entity_id   1
_entity_poly.type   'polypeptide(L)'
_entity_poly.pdbx_seq_one_letter_code
;AASGSALIFDEEMSRYKLLWTDPECEIEVPERLTVSYEALRTHGLAQRCKAVPVRQATEQEILLAHSEEYLEAVKQTPGM
NVEELMAFSKKYNAVYFHQNIYHCAKLAAGATLQLVDSVMKREVRNGMALVRPPGHHSQRSAANGFCVFNNVAFAALYAK
KNYNLNRILIVDWDVHHGQGIQYCFEEDPSVLYFSWHRYEHQSFWPNLPESDYSSVGKGKGSGFNINLPWNKVGMTNSDY
LAAFFHVLLPVAYEFDPELVIVSAGFDSAIGDPEGEMCALPEIFAHLTHLLMPLAAGKMCVVLEGGYNLTSLGQSVCQTV
HSLLGDPTPRISGLGTACDSALESIQNVRNVQSSYWSSFKHLAQSETNPKRPRLDATNGGPKESSEPASESNPKKTAQDI
VWPEPLKRMPASVRTVVVPPPGVELTLPKNCQHSGDISESTAKEVQRIRDKHFHDLTDQNILRSLGNIISVLDRMMRSDE
VCNGCVVVSDLSVSVQCALQHALTEPAERVLVVYVGDGELPVKTNDGKVFLVQICTKETEDKCVNRLTLCLREGESLTAG
FMQALLGLILPVAYEFNPALVLGIVEETAAKTRLMRVWGHMTCLIQGLARGRMLTLLQGYDKDLLELTVSALSGASISPL
GPLRAPKPEDVEMMEKQRQRLQERWGLLRCTVSESW
;
_entity_poly.pdbx_strand_id   A
#
# COMPACT_ATOMS: atom_id res chain seq x y z
N ALA A 1 -18.76 12.04 3.35
CA ALA A 1 -17.52 11.29 3.21
C ALA A 1 -17.44 10.19 4.25
N ALA A 2 -17.08 8.99 3.82
CA ALA A 2 -17.06 7.85 4.73
C ALA A 2 -15.91 7.96 5.73
N SER A 3 -16.14 7.41 6.92
CA SER A 3 -15.12 7.42 7.96
C SER A 3 -15.14 6.07 8.65
N GLY A 4 -14.06 5.75 9.33
CA GLY A 4 -13.97 4.53 10.10
C GLY A 4 -13.58 3.29 9.30
N SER A 5 -13.22 2.25 10.03
CA SER A 5 -12.78 0.98 9.48
C SER A 5 -13.63 -0.13 10.06
N ALA A 6 -14.16 -0.99 9.19
CA ALA A 6 -14.88 -2.15 9.66
C ALA A 6 -13.91 -3.28 9.99
N LEU A 7 -14.18 -3.98 11.09
CA LEU A 7 -13.50 -5.22 11.42
C LEU A 7 -14.59 -6.28 11.55
N ILE A 8 -14.53 -7.29 10.71
CA ILE A 8 -15.57 -8.31 10.65
C ILE A 8 -14.95 -9.62 11.10
N PHE A 9 -15.52 -10.20 12.15
CA PHE A 9 -14.96 -11.34 12.86
CA PHE A 9 -14.97 -11.35 12.84
C PHE A 9 -16.10 -12.07 13.55
N ASP A 10 -15.91 -13.37 13.78
CA ASP A 10 -16.83 -14.12 14.63
C ASP A 10 -16.16 -15.39 15.11
N GLU A 11 -16.23 -15.66 16.42
CA GLU A 11 -15.57 -16.83 16.97
C GLU A 11 -16.12 -18.12 16.40
N GLU A 12 -17.30 -18.08 15.77
CA GLU A 12 -17.85 -19.31 15.18
C GLU A 12 -16.92 -19.87 14.10
N MET A 13 -16.20 -19.01 13.40
CA MET A 13 -15.30 -19.48 12.35
C MET A 13 -14.08 -20.16 12.94
N SER A 14 -13.89 -20.11 14.26
CA SER A 14 -12.86 -20.91 14.89
C SER A 14 -13.35 -22.27 15.32
N ARG A 15 -14.60 -22.64 15.02
CA ARG A 15 -15.20 -23.87 15.54
C ARG A 15 -15.27 -24.98 14.49
N TYR A 16 -14.19 -25.16 13.74
CA TYR A 16 -13.96 -26.36 12.95
C TYR A 16 -12.45 -26.54 12.90
N LYS A 17 -11.99 -27.78 12.78
CA LYS A 17 -10.57 -28.07 12.79
C LYS A 17 -10.34 -29.44 12.17
N LEU A 18 -9.06 -29.79 12.00
CA LEU A 18 -8.69 -31.09 11.45
C LEU A 18 -8.95 -32.22 12.45
N LEU A 19 -9.62 -33.27 12.00
CA LEU A 19 -10.09 -34.34 12.89
C LEU A 19 -9.30 -35.63 12.78
N TRP A 20 -8.26 -35.69 11.96
CA TRP A 20 -7.45 -36.90 11.81
C TRP A 20 -6.02 -36.47 11.59
N THR A 21 -5.11 -37.43 11.69
CA THR A 21 -3.67 -37.15 11.51
C THR A 21 -3.35 -36.82 10.05
N ASP A 22 -2.68 -35.70 9.84
CA ASP A 22 -2.22 -35.21 8.52
C ASP A 22 -1.28 -34.04 8.77
N PRO A 23 0.05 -34.24 8.77
CA PRO A 23 1.00 -33.18 9.09
C PRO A 23 0.95 -32.02 8.10
N GLU A 24 0.57 -32.31 6.87
CA GLU A 24 0.51 -31.21 5.92
C GLU A 24 -0.68 -30.31 6.19
N CYS A 25 -1.79 -30.88 6.65
CA CYS A 25 -3.02 -30.11 6.85
C CYS A 25 -3.07 -29.47 8.23
N GLU A 26 -2.36 -30.03 9.21
CA GLU A 26 -2.48 -29.62 10.60
C GLU A 26 -1.99 -28.19 10.86
N ILE A 27 -1.42 -27.51 9.87
CA ILE A 27 -1.00 -26.12 10.11
C ILE A 27 -2.17 -25.15 10.13
N GLU A 28 -3.31 -25.52 9.54
CA GLU A 28 -4.45 -24.60 9.44
C GLU A 28 -5.34 -24.87 10.66
N VAL A 29 -5.31 -23.95 11.63
CA VAL A 29 -5.87 -24.22 12.96
C VAL A 29 -6.81 -23.09 13.36
N PRO A 30 -7.76 -23.39 14.26
CA PRO A 30 -8.65 -22.32 14.77
C PRO A 30 -7.90 -21.15 15.36
N GLU A 31 -6.79 -21.40 16.05
CA GLU A 31 -6.04 -20.37 16.75
C GLU A 31 -5.53 -19.26 15.84
N ARG A 32 -5.44 -19.51 14.53
CA ARG A 32 -5.08 -18.42 13.62
C ARG A 32 -6.04 -17.26 13.77
N LEU A 33 -7.32 -17.56 13.91
CA LEU A 33 -8.32 -16.49 14.04
C LEU A 33 -8.26 -15.87 15.43
N THR A 34 -8.16 -16.69 16.47
CA THR A 34 -8.20 -16.17 17.83
C THR A 34 -6.95 -15.37 18.16
N VAL A 35 -5.78 -15.81 17.71
CA VAL A 35 -4.56 -15.05 17.91
CA VAL A 35 -4.56 -15.05 17.91
C VAL A 35 -4.62 -13.71 17.17
N SER A 36 -5.22 -13.71 15.98
CA SER A 36 -5.30 -12.45 15.23
C SER A 36 -6.22 -11.45 15.92
N TYR A 37 -7.42 -11.90 16.29
CA TYR A 37 -8.35 -10.97 16.95
C TYR A 37 -7.77 -10.47 18.27
N GLU A 38 -7.20 -11.39 19.07
CA GLU A 38 -6.64 -11.00 20.36
C GLU A 38 -5.48 -10.03 20.20
N ALA A 39 -4.69 -10.16 19.12
CA ALA A 39 -3.64 -9.18 18.92
C ALA A 39 -4.24 -7.80 18.64
N LEU A 40 -5.32 -7.77 17.86
CA LEU A 40 -5.99 -6.51 17.58
C LEU A 40 -6.55 -5.88 18.86
N ARG A 41 -7.09 -6.72 19.75
CA ARG A 41 -7.65 -6.19 20.99
C ARG A 41 -6.56 -5.69 21.94
N THR A 42 -5.53 -6.51 22.15
CA THR A 42 -4.36 -6.12 22.94
C THR A 42 -3.84 -4.73 22.56
N HIS A 43 -3.72 -4.44 21.27
CA HIS A 43 -3.15 -3.16 20.84
C HIS A 43 -4.19 -2.08 20.66
N GLY A 44 -5.43 -2.30 21.11
CA GLY A 44 -6.46 -1.28 21.05
C GLY A 44 -7.05 -1.04 19.70
N LEU A 45 -6.78 -1.93 18.72
CA LEU A 45 -7.19 -1.64 17.35
C LEU A 45 -8.61 -2.11 17.10
N ALA A 46 -8.96 -3.30 17.59
CA ALA A 46 -10.31 -3.82 17.42
C ALA A 46 -11.34 -2.84 18.00
N GLN A 47 -11.02 -2.24 19.15
CA GLN A 47 -11.90 -1.29 19.80
C GLN A 47 -12.12 -0.03 18.97
N ARG A 48 -11.20 0.31 18.06
CA ARG A 48 -11.37 1.49 17.21
C ARG A 48 -12.08 1.19 15.91
N CYS A 49 -12.44 -0.07 15.66
CA CYS A 49 -13.09 -0.48 14.42
C CYS A 49 -14.59 -0.70 14.64
N LYS A 50 -15.37 -0.49 13.59
CA LYS A 50 -16.80 -0.83 13.62
C LYS A 50 -16.98 -2.34 13.46
N ALA A 51 -17.63 -2.98 14.43
CA ALA A 51 -17.77 -4.43 14.49
C ALA A 51 -19.01 -4.88 13.73
N VAL A 52 -18.93 -4.81 12.42
CA VAL A 52 -20.02 -5.27 11.55
C VAL A 52 -20.22 -6.79 11.74
N PRO A 53 -21.43 -7.27 11.96
CA PRO A 53 -21.62 -8.71 12.22
C PRO A 53 -21.47 -9.53 10.95
N VAL A 54 -21.11 -10.81 11.15
CA VAL A 54 -21.07 -11.71 10.02
C VAL A 54 -22.48 -12.16 9.70
N ARG A 55 -22.63 -12.70 8.50
CA ARG A 55 -23.86 -13.36 8.09
C ARG A 55 -23.49 -14.54 7.21
N GLN A 56 -24.47 -15.39 6.93
CA GLN A 56 -24.27 -16.45 5.95
C GLN A 56 -24.41 -15.86 4.57
N ALA A 57 -23.51 -16.25 3.67
CA ALA A 57 -23.80 -16.12 2.25
C ALA A 57 -25.01 -16.99 1.89
N THR A 58 -25.88 -16.46 1.04
CA THR A 58 -27.02 -17.21 0.56
C THR A 58 -26.59 -18.19 -0.55
N GLU A 59 -27.45 -19.18 -0.80
CA GLU A 59 -27.22 -20.11 -1.90
C GLU A 59 -27.01 -19.38 -3.21
N GLN A 60 -27.87 -18.41 -3.51
CA GLN A 60 -27.75 -17.65 -4.74
C GLN A 60 -26.41 -16.92 -4.79
N GLU A 61 -25.91 -16.45 -3.66
CA GLU A 61 -24.61 -15.77 -3.65
C GLU A 61 -23.48 -16.77 -3.90
N ILE A 62 -23.56 -17.95 -3.29
CA ILE A 62 -22.55 -18.98 -3.53
C ILE A 62 -22.52 -19.35 -5.01
N LEU A 63 -23.68 -19.36 -5.65
CA LEU A 63 -23.78 -19.76 -7.06
C LEU A 63 -23.19 -18.72 -8.02
N LEU A 64 -22.80 -17.54 -7.53
CA LEU A 64 -22.09 -16.60 -8.40
C LEU A 64 -20.74 -17.16 -8.82
N ALA A 65 -20.13 -17.99 -7.99
CA ALA A 65 -18.78 -18.47 -8.25
C ALA A 65 -18.64 -19.97 -8.24
N HIS A 66 -19.69 -20.71 -7.85
CA HIS A 66 -19.55 -22.15 -7.71
C HIS A 66 -20.73 -22.84 -8.37
N SER A 67 -20.52 -24.11 -8.71
CA SER A 67 -21.55 -24.86 -9.42
C SER A 67 -22.55 -25.44 -8.44
N GLU A 68 -23.79 -25.62 -8.92
CA GLU A 68 -24.80 -26.27 -8.11
C GLU A 68 -24.31 -27.64 -7.66
N GLU A 69 -23.63 -28.37 -8.53
CA GLU A 69 -23.17 -29.71 -8.15
C GLU A 69 -22.20 -29.65 -6.98
N TYR A 70 -21.28 -28.68 -7.00
CA TYR A 70 -20.29 -28.60 -5.93
C TYR A 70 -20.94 -28.12 -4.63
N LEU A 71 -21.79 -27.10 -4.72
CA LEU A 71 -22.53 -26.62 -3.54
C LEU A 71 -23.34 -27.75 -2.90
N GLU A 72 -24.10 -28.48 -3.72
CA GLU A 72 -24.86 -29.63 -3.22
C GLU A 72 -23.96 -30.66 -2.52
N ALA A 73 -22.77 -30.92 -3.05
CA ALA A 73 -21.89 -31.89 -2.41
C ALA A 73 -21.42 -31.40 -1.05
N VAL A 74 -20.96 -30.15 -0.96
CA VAL A 74 -20.46 -29.65 0.32
C VAL A 74 -21.59 -29.49 1.33
N LYS A 75 -22.81 -29.19 0.85
CA LYS A 75 -23.98 -29.06 1.74
C LYS A 75 -24.27 -30.36 2.50
N GLN A 76 -23.74 -31.50 2.05
CA GLN A 76 -23.96 -32.76 2.73
CA GLN A 76 -23.92 -32.79 2.69
C GLN A 76 -22.92 -33.05 3.81
N THR A 77 -21.82 -32.30 3.87
CA THR A 77 -20.77 -32.60 4.84
C THR A 77 -21.17 -32.36 6.30
N PRO A 78 -22.13 -31.48 6.63
CA PRO A 78 -22.58 -31.41 8.04
C PRO A 78 -23.10 -32.73 8.56
N GLY A 79 -23.74 -33.52 7.70
CA GLY A 79 -24.25 -34.81 8.08
C GLY A 79 -23.27 -35.96 8.11
N MET A 80 -21.98 -35.73 7.87
CA MET A 80 -21.01 -36.81 7.72
C MET A 80 -20.25 -37.07 9.03
N ASN A 81 -19.98 -38.35 9.30
CA ASN A 81 -19.08 -38.70 10.37
C ASN A 81 -17.62 -38.57 9.90
N VAL A 82 -16.68 -38.88 10.78
CA VAL A 82 -15.28 -38.56 10.49
C VAL A 82 -14.76 -39.40 9.34
N GLU A 83 -15.08 -40.71 9.32
CA GLU A 83 -14.70 -41.55 8.19
C GLU A 83 -15.23 -40.97 6.88
N GLU A 84 -16.49 -40.53 6.87
CA GLU A 84 -17.06 -39.97 5.65
C GLU A 84 -16.43 -38.64 5.29
N LEU A 85 -16.10 -37.81 6.30
CA LEU A 85 -15.46 -36.52 6.03
C LEU A 85 -14.04 -36.71 5.47
N MET A 86 -13.31 -37.69 6.00
CA MET A 86 -12.00 -37.99 5.45
C MET A 86 -12.10 -38.44 4.00
N ALA A 87 -13.07 -39.31 3.70
CA ALA A 87 -13.24 -39.78 2.32
C ALA A 87 -13.62 -38.64 1.40
N PHE A 88 -14.50 -37.73 1.86
CA PHE A 88 -14.85 -36.57 1.05
C PHE A 88 -13.65 -35.65 0.86
N SER A 89 -12.82 -35.53 1.90
CA SER A 89 -11.66 -34.65 1.80
C SER A 89 -10.66 -35.13 0.75
N LYS A 90 -10.43 -36.45 0.68
CA LYS A 90 -9.47 -37.06 -0.25
C LYS A 90 -9.86 -36.91 -1.72
N LYS A 91 -11.10 -36.50 -2.00
CA LYS A 91 -11.50 -36.17 -3.37
C LYS A 91 -10.88 -34.87 -3.86
N TYR A 92 -10.24 -34.12 -2.98
CA TYR A 92 -9.69 -32.82 -3.31
C TYR A 92 -8.25 -32.79 -2.80
N ASN A 93 -7.53 -31.75 -3.17
CA ASN A 93 -6.12 -31.62 -2.82
C ASN A 93 -5.91 -30.58 -1.72
N ALA A 94 -5.20 -30.96 -0.67
CA ALA A 94 -4.74 -30.02 0.37
C ALA A 94 -5.89 -29.35 1.12
N VAL A 95 -6.92 -30.10 1.48
CA VAL A 95 -8.06 -29.50 2.17
C VAL A 95 -8.73 -30.56 3.02
N TYR A 96 -9.23 -30.16 4.19
CA TYR A 96 -9.94 -31.08 5.07
C TYR A 96 -11.33 -30.51 5.37
N PHE A 97 -12.25 -31.41 5.71
CA PHE A 97 -13.61 -31.02 6.01
C PHE A 97 -13.94 -31.43 7.45
N HIS A 98 -14.99 -30.80 7.98
CA HIS A 98 -15.40 -30.96 9.38
C HIS A 98 -16.91 -30.69 9.40
N GLN A 99 -17.60 -31.30 10.36
CA GLN A 99 -19.05 -31.12 10.49
C GLN A 99 -19.48 -29.67 10.37
N ASN A 100 -18.66 -28.74 10.88
CA ASN A 100 -19.02 -27.33 10.89
C ASN A 100 -18.40 -26.49 9.78
N ILE A 101 -17.60 -27.08 8.87
CA ILE A 101 -16.87 -26.22 7.92
C ILE A 101 -17.79 -25.63 6.85
N TYR A 102 -18.84 -26.34 6.44
CA TYR A 102 -19.79 -25.74 5.51
C TYR A 102 -20.44 -24.50 6.12
N HIS A 103 -20.88 -24.62 7.37
CA HIS A 103 -21.40 -23.48 8.11
C HIS A 103 -20.39 -22.33 8.14
N CYS A 104 -19.14 -22.63 8.53
CA CYS A 104 -18.12 -21.58 8.62
C CYS A 104 -17.79 -20.98 7.26
N ALA A 105 -17.69 -21.83 6.23
CA ALA A 105 -17.48 -21.33 4.88
C ALA A 105 -18.55 -20.34 4.47
N LYS A 106 -19.82 -20.61 4.80
CA LYS A 106 -20.85 -19.66 4.44
C LYS A 106 -20.70 -18.37 5.25
N LEU A 107 -20.17 -18.46 6.48
CA LEU A 107 -19.91 -17.27 7.27
C LEU A 107 -18.71 -16.49 6.74
N ALA A 108 -17.61 -17.21 6.39
CA ALA A 108 -16.45 -16.53 5.81
C ALA A 108 -16.87 -15.76 4.58
N ALA A 109 -17.71 -16.37 3.74
CA ALA A 109 -18.19 -15.70 2.53
C ALA A 109 -19.14 -14.54 2.88
N GLY A 110 -20.11 -14.78 3.75
CA GLY A 110 -21.01 -13.71 4.13
C GLY A 110 -20.28 -12.55 4.78
N ALA A 111 -19.30 -12.86 5.64
CA ALA A 111 -18.47 -11.82 6.25
C ALA A 111 -17.85 -10.91 5.19
N THR A 112 -17.28 -11.52 4.15
CA THR A 112 -16.70 -10.73 3.06
C THR A 112 -17.76 -9.86 2.40
N LEU A 113 -18.95 -10.41 2.16
CA LEU A 113 -19.99 -9.60 1.51
C LEU A 113 -20.46 -8.47 2.41
N GLN A 114 -20.51 -8.70 3.72
CA GLN A 114 -20.80 -7.61 4.67
C GLN A 114 -19.74 -6.52 4.55
N LEU A 115 -18.47 -6.92 4.43
CA LEU A 115 -17.41 -5.94 4.27
C LEU A 115 -17.60 -5.14 2.99
N VAL A 116 -17.94 -5.83 1.89
CA VAL A 116 -18.19 -5.14 0.63
C VAL A 116 -19.33 -4.14 0.77
N ASP A 117 -20.44 -4.57 1.38
CA ASP A 117 -21.59 -3.65 1.52
C ASP A 117 -21.23 -2.45 2.38
N SER A 118 -20.53 -2.65 3.50
CA SER A 118 -20.22 -1.51 4.35
C SER A 118 -19.34 -0.49 3.64
N VAL A 119 -18.38 -0.95 2.84
CA VAL A 119 -17.50 -0.02 2.16
C VAL A 119 -18.25 0.64 1.01
N MET A 120 -18.95 -0.14 0.19
CA MET A 120 -19.64 0.44 -0.96
C MET A 120 -20.83 1.32 -0.56
N LYS A 121 -21.39 1.12 0.62
CA LYS A 121 -22.46 2.00 1.10
C LYS A 121 -21.91 3.26 1.77
N ARG A 122 -20.59 3.41 1.85
CA ARG A 122 -19.91 4.51 2.54
C ARG A 122 -20.20 4.50 4.05
N GLU A 123 -20.59 3.36 4.61
CA GLU A 123 -20.74 3.27 6.06
C GLU A 123 -19.40 3.23 6.77
N VAL A 124 -18.35 2.74 6.08
CA VAL A 124 -16.97 2.83 6.55
C VAL A 124 -16.09 3.19 5.35
N ARG A 125 -14.90 3.68 5.65
CA ARG A 125 -13.92 3.95 4.60
C ARG A 125 -13.38 2.65 3.99
N ASN A 126 -13.08 1.68 4.84
CA ASN A 126 -12.35 0.47 4.46
C ASN A 126 -12.62 -0.56 5.54
N GLY A 127 -11.98 -1.72 5.45
CA GLY A 127 -12.14 -2.67 6.53
C GLY A 127 -11.41 -3.97 6.29
N MET A 128 -11.46 -4.82 7.30
CA MET A 128 -10.83 -6.14 7.25
C MET A 128 -11.78 -7.20 7.76
N ALA A 129 -11.79 -8.35 7.12
CA ALA A 129 -12.51 -9.53 7.58
C ALA A 129 -11.52 -10.62 7.98
N LEU A 130 -11.63 -11.08 9.24
CA LEU A 130 -10.83 -12.17 9.78
C LEU A 130 -11.68 -13.42 9.68
N VAL A 131 -11.41 -14.25 8.66
CA VAL A 131 -12.30 -15.35 8.31
C VAL A 131 -11.50 -16.64 8.21
N ARG A 132 -12.18 -17.76 8.48
CA ARG A 132 -11.80 -19.14 8.19
C ARG A 132 -13.08 -19.79 7.69
N PRO A 133 -13.00 -20.66 6.67
CA PRO A 133 -11.77 -21.07 5.96
C PRO A 133 -11.34 -20.01 4.95
N PRO A 134 -10.07 -20.04 4.54
CA PRO A 134 -9.63 -19.12 3.48
C PRO A 134 -10.36 -19.42 2.17
N GLY A 135 -10.11 -18.58 1.16
CA GLY A 135 -10.87 -18.70 -0.07
C GLY A 135 -10.13 -18.86 -1.40
N HIS A 136 -8.93 -18.29 -1.55
CA HIS A 136 -8.44 -17.98 -2.91
C HIS A 136 -8.02 -19.20 -3.73
N HIS A 137 -7.82 -20.37 -3.13
CA HIS A 137 -7.56 -21.58 -3.92
C HIS A 137 -8.84 -22.29 -4.37
N SER A 138 -10.01 -21.98 -3.80
CA SER A 138 -11.23 -22.68 -4.15
CA SER A 138 -11.19 -22.72 -4.17
C SER A 138 -11.68 -22.32 -5.57
N GLN A 139 -12.23 -23.28 -6.26
CA GLN A 139 -12.65 -23.13 -7.66
C GLN A 139 -14.16 -23.33 -7.85
N ARG A 140 -14.58 -23.24 -9.11
N ARG A 140 -14.59 -23.22 -9.11
CA ARG A 140 -16.00 -23.37 -9.44
CA ARG A 140 -16.01 -23.38 -9.42
C ARG A 140 -16.59 -24.68 -8.91
C ARG A 140 -16.58 -24.67 -8.87
N SER A 141 -15.85 -25.79 -9.02
CA SER A 141 -16.36 -27.08 -8.57
C SER A 141 -15.36 -27.84 -7.71
N ALA A 142 -14.52 -27.14 -6.95
CA ALA A 142 -13.55 -27.86 -6.12
C ALA A 142 -13.16 -27.06 -4.89
N ALA A 143 -13.04 -27.78 -3.77
CA ALA A 143 -12.27 -27.30 -2.64
C ALA A 143 -10.80 -27.59 -2.87
N ASN A 144 -9.94 -26.70 -2.37
CA ASN A 144 -8.52 -26.79 -2.64
C ASN A 144 -7.77 -25.95 -1.63
N GLY A 145 -6.65 -26.48 -1.12
CA GLY A 145 -5.75 -25.68 -0.31
C GLY A 145 -6.41 -24.97 0.87
N PHE A 146 -7.14 -25.72 1.71
CA PHE A 146 -7.86 -25.24 2.90
C PHE A 146 -9.06 -24.38 2.55
N CYS A 147 -9.31 -24.10 1.27
CA CYS A 147 -10.40 -23.25 0.83
C CYS A 147 -11.61 -24.06 0.38
N VAL A 148 -12.80 -23.62 0.79
CA VAL A 148 -14.06 -24.25 0.41
C VAL A 148 -14.79 -23.42 -0.64
N PHE A 149 -15.01 -22.15 -0.37
CA PHE A 149 -15.63 -21.22 -1.31
C PHE A 149 -14.70 -20.04 -1.44
N ASN A 150 -14.75 -19.38 -2.59
CA ASN A 150 -13.77 -18.35 -2.93
C ASN A 150 -14.28 -16.99 -2.47
N ASN A 151 -13.95 -16.65 -1.21
CA ASN A 151 -14.46 -15.44 -0.57
C ASN A 151 -14.16 -14.19 -1.39
N VAL A 152 -12.90 -14.02 -1.82
CA VAL A 152 -12.56 -12.79 -2.53
C VAL A 152 -13.19 -12.77 -3.91
N ALA A 153 -13.31 -13.94 -4.56
CA ALA A 153 -14.01 -13.99 -5.84
C ALA A 153 -15.47 -13.58 -5.68
N PHE A 154 -16.11 -14.08 -4.64
CA PHE A 154 -17.51 -13.66 -4.36
C PHE A 154 -17.57 -12.16 -4.23
N ALA A 155 -16.64 -11.57 -3.48
CA ALA A 155 -16.71 -10.15 -3.21
C ALA A 155 -16.64 -9.33 -4.49
N ALA A 156 -15.77 -9.71 -5.43
CA ALA A 156 -15.69 -8.95 -6.68
C ALA A 156 -16.95 -9.18 -7.53
N LEU A 157 -17.40 -10.43 -7.65
CA LEU A 157 -18.62 -10.69 -8.41
C LEU A 157 -19.84 -10.00 -7.80
N TYR A 158 -19.94 -10.03 -6.47
CA TYR A 158 -21.04 -9.38 -5.75
C TYR A 158 -21.00 -7.86 -5.94
N ALA A 159 -19.80 -7.28 -5.92
CA ALA A 159 -19.68 -5.83 -6.10
C ALA A 159 -20.02 -5.42 -7.54
N LYS A 160 -19.68 -6.26 -8.52
CA LYS A 160 -20.10 -5.98 -9.90
C LYS A 160 -21.61 -6.02 -10.01
N LYS A 161 -22.24 -7.08 -9.48
CA LYS A 161 -23.66 -7.28 -9.70
C LYS A 161 -24.48 -6.21 -8.99
N ASN A 162 -24.17 -5.93 -7.73
CA ASN A 162 -25.03 -5.08 -6.91
C ASN A 162 -24.63 -3.62 -6.92
N TYR A 163 -23.40 -3.28 -7.32
CA TYR A 163 -23.03 -1.88 -7.40
C TYR A 163 -22.61 -1.48 -8.81
N ASN A 164 -22.77 -2.37 -9.78
CA ASN A 164 -22.51 -2.06 -11.19
CA ASN A 164 -22.51 -2.06 -11.19
C ASN A 164 -21.13 -1.44 -11.37
N LEU A 165 -20.13 -2.02 -10.70
CA LEU A 165 -18.76 -1.54 -10.83
C LEU A 165 -18.15 -2.07 -12.12
N ASN A 166 -17.32 -1.25 -12.76
CA ASN A 166 -16.68 -1.66 -14.00
C ASN A 166 -15.24 -2.12 -13.82
N ARG A 167 -14.56 -1.71 -12.75
CA ARG A 167 -13.14 -2.00 -12.55
C ARG A 167 -12.90 -2.32 -11.09
N ILE A 168 -12.46 -3.55 -10.83
CA ILE A 168 -12.11 -3.99 -9.49
C ILE A 168 -10.68 -4.54 -9.52
N LEU A 169 -9.85 -4.08 -8.58
CA LEU A 169 -8.50 -4.61 -8.40
C LEU A 169 -8.50 -5.60 -7.26
N ILE A 170 -7.96 -6.78 -7.50
CA ILE A 170 -7.71 -7.77 -6.46
C ILE A 170 -6.20 -7.89 -6.31
N VAL A 171 -5.69 -7.64 -5.10
CA VAL A 171 -4.27 -7.75 -4.79
C VAL A 171 -4.12 -8.94 -3.86
N ASP A 172 -3.41 -9.98 -4.32
CA ASP A 172 -3.25 -11.21 -3.58
C ASP A 172 -1.81 -11.29 -3.11
N TRP A 173 -1.57 -10.92 -1.85
CA TRP A 173 -0.21 -10.90 -1.34
C TRP A 173 0.06 -12.08 -0.44
N ASP A 174 -0.85 -13.05 -0.39
CA ASP A 174 -0.57 -14.35 0.19
C ASP A 174 0.65 -14.94 -0.51
N VAL A 175 1.34 -15.86 0.17
CA VAL A 175 2.55 -16.43 -0.43
C VAL A 175 2.23 -17.50 -1.47
N HIS A 176 1.00 -17.97 -1.52
CA HIS A 176 0.55 -18.98 -2.48
C HIS A 176 -0.19 -18.28 -3.61
N HIS A 177 -0.18 -18.91 -4.78
CA HIS A 177 -0.92 -18.40 -5.92
C HIS A 177 -2.42 -18.67 -5.74
N GLY A 178 -3.25 -17.63 -5.91
CA GLY A 178 -4.69 -17.86 -5.79
C GLY A 178 -5.27 -18.27 -7.12
N GLN A 179 -5.02 -19.53 -7.52
CA GLN A 179 -5.44 -19.97 -8.85
C GLN A 179 -6.95 -19.93 -9.00
N GLY A 180 -7.70 -20.15 -7.91
CA GLY A 180 -9.14 -20.11 -8.00
C GLY A 180 -9.63 -18.74 -8.43
N ILE A 181 -8.96 -17.69 -7.95
CA ILE A 181 -9.29 -16.33 -8.40
C ILE A 181 -8.85 -16.11 -9.83
N GLN A 182 -7.65 -16.57 -10.19
CA GLN A 182 -7.20 -16.43 -11.57
C GLN A 182 -8.20 -17.04 -12.54
N TYR A 183 -8.60 -18.29 -12.31
CA TYR A 183 -9.53 -18.95 -13.22
C TYR A 183 -10.85 -18.20 -13.29
N CYS A 184 -11.29 -17.62 -12.17
CA CYS A 184 -12.62 -17.03 -12.12
C CYS A 184 -12.69 -15.82 -13.04
N PHE A 185 -11.62 -15.02 -13.09
CA PHE A 185 -11.62 -13.79 -13.86
C PHE A 185 -10.69 -13.84 -15.08
N GLU A 186 -10.30 -15.05 -15.48
CA GLU A 186 -9.33 -15.24 -16.55
C GLU A 186 -9.65 -14.41 -17.79
N GLU A 187 -10.90 -14.48 -18.25
CA GLU A 187 -11.34 -13.75 -19.43
C GLU A 187 -11.99 -12.40 -19.11
N ASP A 188 -11.91 -11.94 -17.87
CA ASP A 188 -12.67 -10.78 -17.44
C ASP A 188 -11.77 -9.56 -17.28
N PRO A 189 -11.91 -8.54 -18.11
CA PRO A 189 -11.09 -7.34 -17.97
C PRO A 189 -11.61 -6.37 -16.91
N SER A 190 -12.79 -6.62 -16.33
CA SER A 190 -13.30 -5.74 -15.29
C SER A 190 -12.67 -6.02 -13.92
N VAL A 191 -12.03 -7.17 -13.75
CA VAL A 191 -11.43 -7.53 -12.47
C VAL A 191 -9.95 -7.80 -12.73
N LEU A 192 -9.09 -6.86 -12.34
CA LEU A 192 -7.65 -7.04 -12.46
C LEU A 192 -7.13 -7.85 -11.28
N TYR A 193 -6.51 -9.00 -11.56
CA TYR A 193 -5.93 -9.86 -10.53
C TYR A 193 -4.40 -9.77 -10.53
N PHE A 194 -3.82 -9.39 -9.39
CA PHE A 194 -2.38 -9.44 -9.18
C PHE A 194 -2.06 -10.43 -8.08
N SER A 195 -1.08 -11.30 -8.33
CA SER A 195 -0.61 -12.24 -7.30
C SER A 195 0.91 -12.33 -7.37
N TRP A 196 1.59 -12.18 -6.24
CA TRP A 196 2.94 -12.70 -6.10
C TRP A 196 2.83 -14.00 -5.31
N HIS A 197 3.79 -14.90 -5.54
CA HIS A 197 3.69 -16.19 -4.89
C HIS A 197 5.01 -16.91 -5.02
N ARG A 198 5.35 -17.67 -3.98
CA ARG A 198 6.41 -18.64 -4.05
C ARG A 198 6.09 -19.68 -5.12
N TYR A 199 7.05 -19.91 -6.01
CA TYR A 199 6.86 -20.72 -7.21
C TYR A 199 8.00 -21.72 -7.35
N GLU A 200 9.23 -21.20 -7.27
CA GLU A 200 10.44 -22.00 -7.38
C GLU A 200 10.38 -22.87 -8.64
N HIS A 201 10.09 -22.20 -9.75
CA HIS A 201 10.17 -22.82 -11.09
C HIS A 201 9.16 -23.94 -11.22
N GLN A 202 7.98 -23.71 -10.63
CA GLN A 202 6.83 -24.59 -10.58
C GLN A 202 7.01 -25.70 -9.56
N SER A 203 8.10 -25.74 -8.80
CA SER A 203 8.22 -26.84 -7.86
C SER A 203 7.49 -26.58 -6.55
N PHE A 204 6.91 -25.40 -6.35
CA PHE A 204 6.20 -25.13 -5.10
C PHE A 204 4.69 -25.21 -5.31
N TRP A 205 4.02 -25.85 -4.36
CA TRP A 205 2.57 -26.02 -4.44
C TRP A 205 1.91 -24.69 -4.74
N PRO A 206 0.87 -24.65 -5.62
CA PRO A 206 0.17 -25.77 -6.27
C PRO A 206 0.80 -26.31 -7.59
N ASN A 207 2.03 -25.92 -7.91
CA ASN A 207 2.79 -26.54 -9.01
C ASN A 207 2.11 -26.38 -10.36
N LEU A 208 1.63 -25.17 -10.67
CA LEU A 208 0.88 -24.99 -11.88
C LEU A 208 1.69 -24.22 -12.91
N PRO A 209 1.72 -24.69 -14.17
CA PRO A 209 2.30 -23.87 -15.24
C PRO A 209 1.66 -22.50 -15.35
N GLU A 210 0.34 -22.41 -15.20
CA GLU A 210 -0.34 -21.13 -15.37
C GLU A 210 -0.16 -20.18 -14.18
N SER A 211 0.58 -20.56 -13.14
CA SER A 211 0.98 -19.61 -12.09
C SER A 211 2.20 -18.77 -12.50
N ASP A 212 2.74 -19.00 -13.69
CA ASP A 212 3.94 -18.29 -14.10
C ASP A 212 3.60 -16.91 -14.62
N TYR A 213 4.63 -16.09 -14.80
CA TYR A 213 4.46 -14.72 -15.28
C TYR A 213 3.83 -14.66 -16.67
N SER A 214 3.85 -15.76 -17.43
CA SER A 214 3.35 -15.69 -18.80
C SER A 214 1.83 -15.77 -18.88
N SER A 215 1.14 -16.15 -17.81
CA SER A 215 -0.34 -16.11 -17.80
C SER A 215 -0.78 -14.68 -17.55
N VAL A 216 -1.20 -14.01 -18.62
CA VAL A 216 -1.59 -12.61 -18.61
C VAL A 216 -3.10 -12.46 -18.74
N GLY A 217 -3.84 -13.55 -18.71
CA GLY A 217 -5.26 -13.55 -19.00
C GLY A 217 -5.55 -14.11 -20.40
N LYS A 218 -6.83 -14.32 -20.66
CA LYS A 218 -7.30 -14.89 -21.93
C LYS A 218 -8.32 -13.96 -22.57
N GLY A 219 -8.30 -13.91 -23.92
CA GLY A 219 -9.31 -13.18 -24.66
C GLY A 219 -9.39 -11.73 -24.25
N LYS A 220 -10.62 -11.23 -24.04
CA LYS A 220 -10.79 -9.87 -23.56
C LYS A 220 -10.11 -9.64 -22.20
N GLY A 221 -9.77 -10.69 -21.47
CA GLY A 221 -9.04 -10.54 -20.23
C GLY A 221 -7.53 -10.41 -20.34
N SER A 222 -6.97 -10.42 -21.56
CA SER A 222 -5.51 -10.40 -21.72
C SER A 222 -4.93 -9.12 -21.12
N GLY A 223 -3.96 -9.26 -20.23
CA GLY A 223 -3.40 -8.13 -19.54
C GLY A 223 -4.02 -7.84 -18.17
N PHE A 224 -5.11 -8.52 -17.81
CA PHE A 224 -5.78 -8.24 -16.54
C PHE A 224 -5.56 -9.37 -15.54
N ASN A 225 -4.56 -10.20 -15.79
CA ASN A 225 -4.08 -11.17 -14.83
C ASN A 225 -2.56 -10.99 -14.77
N ILE A 226 -2.03 -10.72 -13.59
CA ILE A 226 -0.60 -10.44 -13.41
C ILE A 226 -0.04 -11.40 -12.36
N ASN A 227 0.82 -12.33 -12.80
CA ASN A 227 1.48 -13.26 -11.89
C ASN A 227 2.95 -12.86 -11.72
N LEU A 228 3.39 -12.74 -10.47
CA LEU A 228 4.79 -12.47 -10.14
CA LEU A 228 4.79 -12.47 -10.14
C LEU A 228 5.34 -13.64 -9.34
N PRO A 229 6.02 -14.60 -10.00
CA PRO A 229 6.49 -15.77 -9.27
C PRO A 229 7.80 -15.49 -8.55
N TRP A 230 7.89 -15.94 -7.29
CA TRP A 230 9.13 -15.89 -6.54
C TRP A 230 9.84 -17.22 -6.72
N ASN A 231 11.02 -17.20 -7.34
CA ASN A 231 11.67 -18.47 -7.66
C ASN A 231 12.77 -18.83 -6.67
N LYS A 232 12.94 -18.04 -5.62
CA LYS A 232 13.75 -18.37 -4.45
C LYS A 232 12.97 -17.99 -3.20
N VAL A 233 13.29 -18.65 -2.08
CA VAL A 233 12.76 -18.25 -0.77
C VAL A 233 13.62 -17.12 -0.22
N GLY A 234 13.27 -16.61 0.96
CA GLY A 234 14.00 -15.53 1.59
C GLY A 234 13.75 -14.14 1.04
N MET A 235 12.69 -13.94 0.25
CA MET A 235 12.41 -12.60 -0.23
C MET A 235 12.24 -11.61 0.93
N THR A 236 12.70 -10.37 0.72
CA THR A 236 12.82 -9.35 1.76
C THR A 236 11.86 -8.19 1.51
N ASN A 237 11.80 -7.29 2.49
CA ASN A 237 11.11 -6.02 2.31
C ASN A 237 11.46 -5.40 0.96
N SER A 238 12.75 -5.38 0.61
CA SER A 238 13.13 -4.74 -0.65
C SER A 238 12.50 -5.43 -1.85
N ASP A 239 12.42 -6.76 -1.83
CA ASP A 239 11.79 -7.47 -2.95
C ASP A 239 10.32 -7.13 -3.07
N TYR A 240 9.60 -7.10 -1.93
CA TYR A 240 8.18 -6.79 -1.94
C TYR A 240 7.93 -5.36 -2.43
N LEU A 241 8.74 -4.40 -1.96
CA LEU A 241 8.51 -3.03 -2.41
C LEU A 241 8.89 -2.82 -3.86
N ALA A 242 9.94 -3.51 -4.33
CA ALA A 242 10.27 -3.49 -5.76
C ALA A 242 9.09 -4.00 -6.59
N ALA A 243 8.45 -5.09 -6.13
CA ALA A 243 7.29 -5.61 -6.83
C ALA A 243 6.17 -4.58 -6.91
N PHE A 244 5.95 -3.83 -5.84
CA PHE A 244 4.90 -2.81 -5.86
C PHE A 244 5.28 -1.63 -6.74
N PHE A 245 6.48 -1.08 -6.55
CA PHE A 245 6.83 0.13 -7.29
C PHE A 245 6.95 -0.15 -8.79
N HIS A 246 7.44 -1.33 -9.17
CA HIS A 246 7.78 -1.57 -10.57
C HIS A 246 6.82 -2.50 -11.30
N VAL A 247 5.85 -3.11 -10.61
CA VAL A 247 4.83 -3.91 -11.28
C VAL A 247 3.44 -3.48 -10.86
N LEU A 248 3.08 -3.73 -9.59
CA LEU A 248 1.66 -3.63 -9.18
C LEU A 248 1.16 -2.20 -9.24
N LEU A 249 1.85 -1.26 -8.59
CA LEU A 249 1.33 0.10 -8.52
C LEU A 249 1.22 0.81 -9.87
N PRO A 250 2.21 0.74 -10.77
CA PRO A 250 2.04 1.42 -12.06
C PRO A 250 0.80 0.97 -12.80
N VAL A 251 0.49 -0.33 -12.72
CA VAL A 251 -0.70 -0.86 -13.34
C VAL A 251 -1.94 -0.44 -12.57
N ALA A 252 -1.87 -0.49 -11.23
CA ALA A 252 -3.05 -0.18 -10.41
C ALA A 252 -3.53 1.24 -10.65
N TYR A 253 -2.60 2.20 -10.66
CA TYR A 253 -3.01 3.58 -10.82
C TYR A 253 -3.45 3.88 -12.25
N GLU A 254 -2.95 3.13 -13.24
CA GLU A 254 -3.46 3.31 -14.60
C GLU A 254 -4.84 2.66 -14.75
N PHE A 255 -5.00 1.45 -14.21
CA PHE A 255 -6.30 0.78 -14.18
C PHE A 255 -7.39 1.65 -13.51
N ASP A 256 -7.05 2.33 -12.40
CA ASP A 256 -7.96 3.22 -11.68
C ASP A 256 -9.18 2.45 -11.20
N PRO A 257 -9.01 1.50 -10.29
CA PRO A 257 -10.15 0.67 -9.89
C PRO A 257 -11.16 1.50 -9.10
N GLU A 258 -12.40 0.99 -9.06
CA GLU A 258 -13.46 1.56 -8.25
C GLU A 258 -13.57 0.90 -6.89
N LEU A 259 -12.92 -0.25 -6.71
CA LEU A 259 -12.84 -0.94 -5.44
C LEU A 259 -11.57 -1.77 -5.43
N VAL A 260 -10.88 -1.80 -4.29
CA VAL A 260 -9.73 -2.66 -4.08
C VAL A 260 -10.12 -3.73 -3.07
N ILE A 261 -9.89 -4.99 -3.44
CA ILE A 261 -10.05 -6.13 -2.54
C ILE A 261 -8.68 -6.76 -2.37
N VAL A 262 -8.28 -7.02 -1.13
CA VAL A 262 -6.98 -7.61 -0.86
C VAL A 262 -7.18 -9.04 -0.36
N SER A 263 -6.56 -9.99 -1.05
CA SER A 263 -6.42 -11.36 -0.57
CA SER A 263 -6.42 -11.36 -0.57
C SER A 263 -5.19 -11.37 0.33
N ALA A 264 -5.43 -11.20 1.64
CA ALA A 264 -4.37 -10.89 2.60
C ALA A 264 -3.95 -12.16 3.33
N GLY A 265 -3.05 -12.92 2.67
CA GLY A 265 -2.35 -13.98 3.33
C GLY A 265 -1.04 -13.46 3.89
N PHE A 266 -0.82 -13.71 5.17
CA PHE A 266 0.41 -13.30 5.82
C PHE A 266 1.39 -14.45 5.94
N ASP A 267 1.12 -15.57 5.27
CA ASP A 267 2.18 -16.56 5.13
C ASP A 267 3.34 -16.07 4.26
N SER A 268 3.28 -14.85 3.74
CA SER A 268 4.38 -14.21 3.04
C SER A 268 5.32 -13.47 3.97
N ALA A 269 5.06 -13.51 5.28
CA ALA A 269 5.84 -12.80 6.29
C ALA A 269 6.95 -13.68 6.84
N ILE A 270 7.98 -13.02 7.38
CA ILE A 270 9.08 -13.73 8.02
C ILE A 270 8.56 -14.68 9.09
N GLY A 271 9.20 -15.84 9.21
CA GLY A 271 8.82 -16.83 10.19
C GLY A 271 7.77 -17.82 9.76
N ASP A 272 7.08 -17.59 8.65
CA ASP A 272 6.03 -18.51 8.26
C ASP A 272 6.63 -19.82 7.78
N PRO A 273 6.13 -20.97 8.26
CA PRO A 273 6.71 -22.25 7.86
C PRO A 273 6.40 -22.65 6.43
N GLU A 274 5.36 -22.08 5.81
CA GLU A 274 5.07 -22.42 4.40
C GLU A 274 5.75 -21.47 3.43
N GLY A 275 5.75 -20.18 3.73
CA GLY A 275 6.30 -19.19 2.84
C GLY A 275 7.82 -19.14 2.84
N GLU A 276 8.43 -19.19 4.01
CA GLU A 276 9.88 -19.08 4.18
C GLU A 276 10.42 -17.80 3.55
N MET A 277 9.61 -16.75 3.50
CA MET A 277 10.09 -15.43 3.13
C MET A 277 10.58 -14.68 4.37
N CYS A 278 11.18 -13.50 4.14
CA CYS A 278 11.87 -12.77 5.20
C CYS A 278 11.33 -11.36 5.40
N ALA A 279 10.21 -11.02 4.78
CA ALA A 279 9.69 -9.67 4.95
C ALA A 279 9.09 -9.53 6.36
N LEU A 280 9.30 -8.38 6.96
CA LEU A 280 8.88 -8.08 8.32
C LEU A 280 7.40 -7.69 8.34
N PRO A 281 6.71 -7.95 9.47
CA PRO A 281 5.29 -7.53 9.56
C PRO A 281 5.08 -6.08 9.19
N GLU A 282 6.07 -5.22 9.47
CA GLU A 282 5.94 -3.80 9.15
C GLU A 282 5.70 -3.55 7.67
N ILE A 283 6.14 -4.46 6.79
CA ILE A 283 5.97 -4.22 5.36
C ILE A 283 4.49 -4.13 5.00
N PHE A 284 3.64 -4.87 5.71
CA PHE A 284 2.22 -4.89 5.39
C PHE A 284 1.57 -3.57 5.72
N ALA A 285 2.14 -2.81 6.67
CA ALA A 285 1.70 -1.45 6.90
C ALA A 285 1.83 -0.63 5.63
N HIS A 286 2.90 -0.87 4.86
CA HIS A 286 3.18 -0.08 3.68
C HIS A 286 2.49 -0.64 2.45
N LEU A 287 2.43 -1.97 2.33
CA LEU A 287 1.61 -2.55 1.27
C LEU A 287 0.19 -2.01 1.34
N THR A 288 -0.38 -1.99 2.56
CA THR A 288 -1.71 -1.40 2.72
C THR A 288 -1.72 0.07 2.34
N HIS A 289 -0.78 0.82 2.87
CA HIS A 289 -0.70 2.27 2.65
C HIS A 289 -0.55 2.65 1.18
N LEU A 290 0.28 1.93 0.45
CA LEU A 290 0.53 2.27 -0.95
C LEU A 290 -0.73 2.11 -1.81
N LEU A 291 -1.67 1.27 -1.39
CA LEU A 291 -2.91 1.04 -2.12
C LEU A 291 -4.06 1.96 -1.68
N MET A 292 -3.94 2.60 -0.54
CA MET A 292 -5.07 3.36 -0.02
C MET A 292 -5.51 4.57 -0.86
N PRO A 293 -4.67 5.22 -1.66
CA PRO A 293 -5.14 6.26 -2.54
C PRO A 293 -6.00 5.75 -3.70
N LEU A 294 -6.04 4.45 -3.97
CA LEU A 294 -6.89 3.97 -5.05
C LEU A 294 -8.34 3.90 -4.59
N ALA A 295 -9.26 4.05 -5.55
CA ALA A 295 -10.71 3.85 -5.31
C ALA A 295 -11.21 4.69 -4.15
N ALA A 296 -10.65 5.90 -4.01
CA ALA A 296 -10.99 6.80 -2.90
C ALA A 296 -10.85 6.11 -1.56
N GLY A 297 -9.89 5.20 -1.44
CA GLY A 297 -9.65 4.51 -0.19
C GLY A 297 -10.55 3.33 0.08
N LYS A 298 -11.46 3.00 -0.83
CA LYS A 298 -12.38 1.89 -0.59
C LYS A 298 -11.62 0.58 -0.75
N MET A 299 -11.17 0.00 0.37
CA MET A 299 -10.36 -1.20 0.38
C MET A 299 -10.96 -2.23 1.33
N CYS A 300 -11.15 -3.44 0.82
CA CYS A 300 -11.67 -4.56 1.61
C CYS A 300 -10.57 -5.61 1.72
N VAL A 301 -10.02 -5.75 2.94
CA VAL A 301 -8.95 -6.70 3.22
C VAL A 301 -9.57 -7.99 3.77
N VAL A 302 -9.24 -9.10 3.15
CA VAL A 302 -9.81 -10.43 3.52
C VAL A 302 -8.70 -11.38 3.90
N LEU A 303 -8.74 -11.93 5.11
CA LEU A 303 -7.69 -12.85 5.57
C LEU A 303 -7.64 -14.12 4.71
N GLU A 304 -6.46 -14.48 4.26
CA GLU A 304 -6.24 -15.75 3.54
C GLU A 304 -5.44 -16.66 4.46
N GLY A 305 -4.16 -16.89 4.17
CA GLY A 305 -3.31 -17.75 4.99
C GLY A 305 -2.46 -16.98 5.97
N GLY A 306 -1.63 -17.71 6.69
CA GLY A 306 -0.71 -17.19 7.70
C GLY A 306 -0.63 -18.15 8.87
N TYR A 307 0.55 -18.75 9.10
CA TYR A 307 0.63 -19.94 9.92
C TYR A 307 1.58 -19.84 11.09
N ASN A 308 2.41 -18.81 11.16
CA ASN A 308 3.23 -18.56 12.34
C ASN A 308 2.40 -17.63 13.22
N LEU A 309 1.91 -18.16 14.34
CA LEU A 309 0.93 -17.39 15.12
C LEU A 309 1.50 -16.04 15.55
N THR A 310 2.80 -15.98 15.83
CA THR A 310 3.44 -14.71 16.20
C THR A 310 3.50 -13.76 15.00
N SER A 311 4.17 -14.18 13.94
CA SER A 311 4.19 -13.40 12.71
C SER A 311 2.79 -12.96 12.29
N LEU A 312 1.79 -13.83 12.49
CA LEU A 312 0.45 -13.55 12.01
C LEU A 312 -0.18 -12.38 12.75
N GLY A 313 -0.17 -12.42 14.09
CA GLY A 313 -0.74 -11.33 14.86
C GLY A 313 -0.12 -9.99 14.54
N GLN A 314 1.21 -9.95 14.41
CA GLN A 314 1.90 -8.68 14.16
C GLN A 314 1.57 -8.10 12.80
N SER A 315 1.42 -8.95 11.77
CA SER A 315 1.11 -8.46 10.43
C SER A 315 -0.35 -8.01 10.33
N VAL A 316 -1.26 -8.72 10.99
CA VAL A 316 -2.64 -8.26 11.05
C VAL A 316 -2.72 -6.88 11.70
N CYS A 317 -1.96 -6.67 12.79
CA CYS A 317 -1.98 -5.36 13.46
C CYS A 317 -1.44 -4.26 12.58
N GLN A 318 -0.35 -4.54 11.86
CA GLN A 318 0.22 -3.53 10.97
C GLN A 318 -0.75 -3.16 9.88
N THR A 319 -1.53 -4.14 9.40
CA THR A 319 -2.50 -3.84 8.36
C THR A 319 -3.64 -2.97 8.89
N VAL A 320 -4.23 -3.36 10.03
CA VAL A 320 -5.32 -2.57 10.60
C VAL A 320 -4.83 -1.16 10.99
N HIS A 321 -3.63 -1.07 11.58
CA HIS A 321 -3.06 0.24 11.89
C HIS A 321 -3.13 1.16 10.67
N SER A 322 -2.77 0.62 9.49
CA SER A 322 -2.77 1.44 8.28
C SER A 322 -4.19 1.74 7.82
N LEU A 323 -5.10 0.77 7.94
CA LEU A 323 -6.50 1.03 7.58
C LEU A 323 -7.07 2.17 8.44
N LEU A 324 -6.78 2.16 9.74
CA LEU A 324 -7.17 3.25 10.63
C LEU A 324 -6.42 4.55 10.37
N GLY A 325 -5.40 4.55 9.50
CA GLY A 325 -4.66 5.75 9.21
C GLY A 325 -3.55 6.09 10.19
N ASP A 326 -3.18 5.16 11.08
CA ASP A 326 -2.05 5.41 11.98
C ASP A 326 -0.73 5.57 11.20
N PRO A 327 0.26 6.24 11.79
CA PRO A 327 1.50 6.51 11.04
C PRO A 327 2.28 5.23 10.73
N THR A 328 2.77 5.15 9.51
CA THR A 328 3.47 3.95 9.06
C THR A 328 4.85 3.87 9.73
N PRO A 329 5.31 2.67 10.09
CA PRO A 329 6.65 2.56 10.69
C PRO A 329 7.73 2.75 9.63
N ARG A 330 8.87 3.27 10.07
CA ARG A 330 9.99 3.45 9.16
C ARG A 330 10.60 2.11 8.82
N ILE A 331 10.88 1.90 7.52
CA ILE A 331 11.53 0.69 7.02
C ILE A 331 12.99 1.02 6.75
N SER A 332 13.89 0.43 7.52
CA SER A 332 15.32 0.62 7.29
C SER A 332 15.92 -0.54 6.49
N GLY A 333 17.14 -0.31 6.00
CA GLY A 333 17.89 -1.36 5.33
C GLY A 333 17.43 -1.74 3.94
N LEU A 334 16.68 -0.88 3.25
CA LEU A 334 16.17 -1.19 1.94
C LEU A 334 17.27 -1.01 0.89
N GLY A 335 17.16 -1.78 -0.19
CA GLY A 335 18.10 -1.66 -1.30
C GLY A 335 17.59 -2.42 -2.51
N THR A 336 18.50 -2.89 -3.36
CA THR A 336 18.09 -3.63 -4.55
C THR A 336 17.34 -4.91 -4.16
N ALA A 337 16.33 -5.26 -4.95
CA ALA A 337 15.80 -6.61 -4.88
C ALA A 337 16.90 -7.60 -5.26
N CYS A 338 16.76 -8.85 -4.84
CA CYS A 338 17.76 -9.83 -5.23
C CYS A 338 17.65 -10.13 -6.72
N ASP A 339 18.64 -10.87 -7.23
CA ASP A 339 18.69 -11.13 -8.67
C ASP A 339 17.48 -11.94 -9.12
N SER A 340 17.06 -12.92 -8.33
CA SER A 340 15.97 -13.77 -8.79
C SER A 340 14.66 -12.97 -8.85
N ALA A 341 14.45 -12.06 -7.88
CA ALA A 341 13.28 -11.18 -7.92
C ALA A 341 13.36 -10.20 -9.07
N LEU A 342 14.54 -9.64 -9.33
CA LEU A 342 14.67 -8.73 -10.46
C LEU A 342 14.37 -9.45 -11.77
N GLU A 343 14.78 -10.72 -11.87
CA GLU A 343 14.46 -11.51 -13.05
C GLU A 343 12.95 -11.71 -13.20
N SER A 344 12.29 -12.14 -12.11
CA SER A 344 10.83 -12.23 -12.13
C SER A 344 10.20 -10.88 -12.47
N ILE A 345 10.71 -9.79 -11.89
CA ILE A 345 10.13 -8.47 -12.19
C ILE A 345 10.36 -8.11 -13.64
N GLN A 346 11.58 -8.32 -14.14
CA GLN A 346 11.90 -8.04 -15.54
C GLN A 346 10.98 -8.81 -16.48
N ASN A 347 10.75 -10.08 -16.18
CA ASN A 347 9.97 -10.92 -17.09
C ASN A 347 8.50 -10.54 -17.10
N VAL A 348 7.90 -10.26 -15.92
CA VAL A 348 6.50 -9.83 -15.86
CA VAL A 348 6.49 -9.84 -15.89
C VAL A 348 6.31 -8.53 -16.63
N ARG A 349 7.21 -7.56 -16.40
CA ARG A 349 7.08 -6.28 -17.08
C ARG A 349 7.14 -6.44 -18.59
N ASN A 350 7.97 -7.37 -19.06
CA ASN A 350 8.16 -7.52 -20.51
C ASN A 350 6.92 -8.17 -21.16
N VAL A 351 6.44 -9.29 -20.61
CA VAL A 351 5.23 -9.91 -21.17
C VAL A 351 4.00 -9.03 -21.00
N GLN A 352 3.97 -8.15 -19.99
CA GLN A 352 2.82 -7.29 -19.82
C GLN A 352 2.90 -6.00 -20.63
N SER A 353 4.03 -5.74 -21.29
CA SER A 353 4.24 -4.46 -21.95
C SER A 353 3.36 -4.25 -23.16
N SER A 354 2.73 -5.30 -23.69
CA SER A 354 1.76 -5.06 -24.76
C SER A 354 0.41 -4.56 -24.25
N TYR A 355 0.20 -4.57 -22.94
CA TYR A 355 -1.10 -4.17 -22.37
C TYR A 355 -0.97 -2.93 -21.50
N TRP A 356 0.19 -2.71 -20.94
CA TRP A 356 0.34 -1.59 -20.00
C TRP A 356 1.36 -0.58 -20.53
N SER A 357 1.02 0.71 -20.48
CA SER A 357 1.89 1.78 -21.03
C SER A 357 3.35 1.69 -20.58
N SER A 358 3.61 2.04 -19.32
CA SER A 358 4.98 2.13 -18.74
C SER A 358 5.90 0.91 -18.88
N PHE A 359 5.46 -0.25 -19.35
CA PHE A 359 6.34 -1.44 -19.36
C PHE A 359 7.27 -1.57 -20.58
N LYS A 360 6.93 -0.97 -21.73
CA LYS A 360 7.76 -1.03 -22.99
C LYS A 360 9.23 -0.89 -22.62
N HIS A 361 10.17 -1.58 -23.26
CA HIS A 361 11.53 -1.49 -22.64
C HIS A 361 12.70 -0.99 -23.46
N LEU A 362 12.54 -0.41 -24.64
CA LEU A 362 13.78 0.18 -25.23
C LEU A 362 13.58 1.70 -25.36
N ALA A 363 14.31 2.37 -26.24
CA ALA A 363 14.07 3.83 -26.38
C ALA A 363 13.23 3.96 -27.63
N GLN A 364 13.88 3.87 -28.78
CA GLN A 364 13.13 3.75 -30.04
C GLN A 364 13.31 2.28 -30.40
N SER A 365 13.95 1.53 -29.48
CA SER A 365 14.24 0.09 -29.73
C SER A 365 12.93 -0.69 -29.80
N GLU A 366 12.04 -0.40 -28.84
CA GLU A 366 10.72 -1.07 -28.82
C GLU A 366 9.79 -0.37 -29.83
N ASP A 399 14.23 -21.94 15.60
CA ASP A 399 13.14 -20.96 15.56
C ASP A 399 13.63 -19.64 15.00
N ILE A 400 12.82 -19.05 14.12
CA ILE A 400 13.15 -17.76 13.50
C ILE A 400 12.64 -16.65 14.40
N VAL A 401 13.51 -15.68 14.72
CA VAL A 401 13.16 -14.56 15.58
C VAL A 401 13.49 -13.26 14.85
N TRP A 402 12.68 -12.25 15.10
CA TRP A 402 12.87 -10.91 14.57
C TRP A 402 12.43 -9.93 15.66
N PRO A 403 12.89 -8.68 15.60
CA PRO A 403 12.49 -7.72 16.64
C PRO A 403 10.98 -7.47 16.64
N GLU A 404 10.43 -7.26 17.84
CA GLU A 404 9.03 -6.89 17.95
C GLU A 404 8.80 -5.54 17.27
N PRO A 405 7.77 -5.40 16.44
CA PRO A 405 7.47 -4.07 15.87
C PRO A 405 7.19 -3.04 16.96
N LEU A 406 7.67 -1.83 16.73
CA LEU A 406 7.44 -0.72 17.65
C LEU A 406 5.95 -0.34 17.69
N LYS A 407 5.55 0.32 18.77
CA LYS A 407 4.17 0.76 18.89
C LYS A 407 3.88 1.86 17.86
N ARG A 408 2.70 1.77 17.26
CA ARG A 408 2.25 2.79 16.31
C ARG A 408 1.06 3.50 16.94
N MET A 409 1.16 4.82 17.07
CA MET A 409 0.16 5.60 17.79
C MET A 409 -0.24 6.81 16.96
N PRO A 410 -1.53 7.05 16.76
CA PRO A 410 -1.96 8.29 16.08
C PRO A 410 -1.62 9.52 16.92
N ALA A 411 -1.10 10.55 16.25
CA ALA A 411 -0.73 11.77 16.96
C ALA A 411 -1.97 12.44 17.56
N SER A 412 -1.75 13.19 18.65
CA SER A 412 -2.83 13.88 19.34
C SER A 412 -3.70 14.65 18.35
N VAL A 413 -3.11 15.64 17.69
CA VAL A 413 -3.66 16.22 16.47
C VAL A 413 -2.77 15.78 15.33
N ARG A 414 -3.38 15.38 14.21
CA ARG A 414 -2.60 14.87 13.10
C ARG A 414 -1.89 15.98 12.35
N THR A 415 -2.61 17.05 12.04
CA THR A 415 -2.15 18.06 11.10
C THR A 415 -2.34 19.46 11.67
N VAL A 416 -1.26 20.22 11.74
CA VAL A 416 -1.31 21.62 12.12
C VAL A 416 -1.27 22.44 10.84
N VAL A 417 -2.10 23.48 10.77
CA VAL A 417 -2.22 24.33 9.59
C VAL A 417 -1.96 25.78 10.00
N VAL A 418 -1.16 26.46 9.21
CA VAL A 418 -0.92 27.89 9.53
C VAL A 418 -1.13 28.71 8.28
N PRO A 419 -2.38 29.08 7.96
CA PRO A 419 -2.68 29.92 6.80
C PRO A 419 -2.17 31.34 7.03
N PRO A 420 -2.23 32.22 6.04
CA PRO A 420 -1.75 33.60 6.24
C PRO A 420 -2.48 34.27 7.39
N PRO A 421 -1.89 35.31 7.98
CA PRO A 421 -2.56 36.05 9.03
C PRO A 421 -3.92 36.56 8.59
N GLY A 422 -4.95 36.28 9.39
CA GLY A 422 -6.29 36.74 9.09
C GLY A 422 -7.05 35.90 8.08
N VAL A 423 -6.78 34.60 8.02
CA VAL A 423 -7.47 33.69 7.11
C VAL A 423 -7.92 32.51 7.95
N GLU A 424 -9.21 32.43 8.24
CA GLU A 424 -9.79 31.34 9.04
C GLU A 424 -10.52 30.40 8.11
N LEU A 425 -10.22 29.10 8.21
CA LEU A 425 -10.74 28.10 7.30
C LEU A 425 -11.42 26.99 8.07
N THR A 426 -12.35 26.31 7.39
CA THR A 426 -12.95 25.11 7.95
C THR A 426 -11.96 23.97 7.85
N LEU A 427 -11.49 23.47 8.99
CA LEU A 427 -10.50 22.40 9.05
C LEU A 427 -11.14 21.07 9.43
N PRO A 428 -10.69 19.95 8.82
CA PRO A 428 -11.13 18.63 9.27
C PRO A 428 -10.93 18.41 10.76
N LYS A 429 -11.63 17.42 11.33
CA LYS A 429 -11.71 17.31 12.79
C LYS A 429 -10.36 17.00 13.44
N ASN A 430 -9.42 16.41 12.71
CA ASN A 430 -8.10 16.09 13.24
C ASN A 430 -7.03 17.08 12.79
N CYS A 431 -7.41 18.28 12.37
CA CYS A 431 -6.48 19.36 12.16
C CYS A 431 -6.69 20.49 13.17
N GLN A 432 -5.74 21.41 13.17
CA GLN A 432 -5.77 22.50 14.16
C GLN A 432 -4.86 23.62 13.67
N HIS A 433 -5.21 24.85 14.02
CA HIS A 433 -4.36 26.00 13.74
C HIS A 433 -3.13 25.95 14.64
N SER A 434 -2.15 26.80 14.36
CA SER A 434 -0.95 26.80 15.17
C SER A 434 -1.22 27.38 16.55
N ILE A 437 3.02 29.97 20.15
CA ILE A 437 4.19 30.68 19.65
C ILE A 437 5.01 31.23 20.84
N SER A 438 5.75 30.33 21.49
CA SER A 438 6.28 30.57 22.82
C SER A 438 7.45 31.55 22.80
N GLU A 439 7.99 31.82 24.00
CA GLU A 439 9.13 32.73 24.12
C GLU A 439 10.46 32.03 23.84
N SER A 440 10.59 30.76 24.24
CA SER A 440 11.72 29.97 23.78
C SER A 440 11.83 30.01 22.26
N THR A 441 10.71 29.75 21.57
CA THR A 441 10.70 29.80 20.12
C THR A 441 11.02 31.20 19.60
N ALA A 442 10.45 32.22 20.25
CA ALA A 442 10.66 33.59 19.78
C ALA A 442 12.12 34.00 19.91
N LYS A 443 12.78 33.60 21.01
CA LYS A 443 14.21 33.89 21.16
C LYS A 443 15.04 33.20 20.09
N GLU A 444 14.63 32.01 19.64
CA GLU A 444 15.39 31.29 18.62
C GLU A 444 15.32 32.00 17.27
N VAL A 445 14.16 32.54 16.91
CA VAL A 445 14.06 33.28 15.65
C VAL A 445 14.93 34.52 15.70
N GLN A 446 15.03 35.16 16.87
CA GLN A 446 15.92 36.30 17.02
C GLN A 446 17.37 35.90 16.80
N ARG A 447 17.80 34.80 17.43
CA ARG A 447 19.16 34.30 17.23
C ARG A 447 19.43 34.06 15.75
N ILE A 448 18.50 33.43 15.04
CA ILE A 448 18.68 33.10 13.64
C ILE A 448 18.78 34.37 12.79
N ARG A 449 17.95 35.38 13.09
CA ARG A 449 17.97 36.60 12.29
C ARG A 449 19.30 37.31 12.45
N ASP A 450 19.77 37.47 13.69
CA ASP A 450 20.99 38.23 13.94
C ASP A 450 22.21 37.54 13.32
N LYS A 451 22.21 36.22 13.28
CA LYS A 451 23.35 35.48 12.76
C LYS A 451 23.32 35.31 11.24
N HIS A 452 22.13 35.14 10.63
CA HIS A 452 22.06 34.69 9.24
C HIS A 452 21.28 35.59 8.29
N PHE A 453 20.43 36.49 8.80
CA PHE A 453 19.69 37.42 7.94
C PHE A 453 19.70 38.77 8.66
N HIS A 454 20.82 39.48 8.53
CA HIS A 454 21.02 40.71 9.30
C HIS A 454 19.96 41.74 8.99
N ASP A 455 19.64 41.93 7.71
CA ASP A 455 18.76 43.00 7.26
C ASP A 455 17.28 42.64 7.29
N LEU A 456 16.92 41.44 7.72
CA LEU A 456 15.53 41.01 7.67
C LEU A 456 14.74 41.61 8.82
N THR A 457 13.63 42.26 8.46
CA THR A 457 12.76 42.91 9.47
C THR A 457 11.27 42.73 9.15
N ASP A 458 10.95 42.19 7.98
CA ASP A 458 9.52 41.91 7.63
C ASP A 458 8.93 41.08 8.76
N GLN A 459 8.07 41.67 9.57
CA GLN A 459 7.51 41.01 10.78
C GLN A 459 6.57 39.85 10.45
N ASN A 460 6.15 39.73 9.21
CA ASN A 460 5.33 38.60 8.76
C ASN A 460 6.20 37.39 8.44
N ILE A 461 7.38 37.65 7.89
CA ILE A 461 8.34 36.55 7.63
C ILE A 461 8.73 36.00 9.00
N LEU A 462 9.16 36.88 9.90
CA LEU A 462 9.52 36.44 11.24
C LEU A 462 8.41 35.64 11.90
N ARG A 463 7.15 35.90 11.53
CA ARG A 463 6.05 35.10 12.03
C ARG A 463 6.11 33.68 11.46
N SER A 464 6.24 33.56 10.14
CA SER A 464 6.32 32.23 9.52
C SER A 464 7.46 31.42 10.10
N LEU A 465 8.64 32.05 10.26
CA LEU A 465 9.78 31.37 10.85
C LEU A 465 9.48 30.90 12.26
N GLY A 466 8.72 31.68 13.03
CA GLY A 466 8.30 31.20 14.34
C GLY A 466 7.34 30.03 14.25
N ASN A 467 6.48 30.02 13.23
CA ASN A 467 5.55 28.90 13.07
C ASN A 467 6.26 27.65 12.58
N ILE A 468 7.15 27.80 11.60
CA ILE A 468 7.94 26.67 11.10
C ILE A 468 8.63 25.95 12.25
N ILE A 469 9.39 26.69 13.06
CA ILE A 469 10.10 26.08 14.19
C ILE A 469 9.12 25.45 15.16
N SER A 470 7.97 26.10 15.36
CA SER A 470 7.04 25.63 16.38
C SER A 470 6.34 24.34 15.95
N VAL A 471 5.90 24.25 14.69
CA VAL A 471 5.28 23.01 14.24
C VAL A 471 6.30 21.88 14.17
N LEU A 472 7.50 22.16 13.66
CA LEU A 472 8.56 21.15 13.63
C LEU A 472 8.85 20.60 15.01
N ASP A 473 8.93 21.49 16.01
CA ASP A 473 9.15 21.04 17.39
C ASP A 473 8.02 20.13 17.85
N ARG A 474 6.79 20.41 17.42
CA ARG A 474 5.67 19.54 17.79
C ARG A 474 5.71 18.23 17.02
N MET A 475 6.11 18.28 15.74
CA MET A 475 6.20 17.05 14.94
C MET A 475 7.28 16.12 15.48
N MET A 476 8.48 16.65 15.72
CA MET A 476 9.66 15.81 15.97
C MET A 476 9.76 15.39 17.45
N ARG A 477 9.86 16.37 18.35
CA ARG A 477 10.12 16.06 19.74
C ARG A 477 8.87 15.74 20.55
N SER A 478 7.70 16.23 20.13
CA SER A 478 6.52 16.20 20.98
C SER A 478 5.64 14.98 20.80
N ASP A 479 5.70 14.30 19.64
CA ASP A 479 4.81 13.17 19.36
C ASP A 479 3.34 13.55 19.49
N GLU A 480 3.05 14.85 19.61
CA GLU A 480 1.69 15.34 19.72
C GLU A 480 1.09 15.68 18.36
N VAL A 481 1.90 16.13 17.42
CA VAL A 481 1.50 16.45 16.06
C VAL A 481 2.26 15.53 15.11
N CYS A 482 1.62 15.17 13.99
CA CYS A 482 2.26 14.32 12.98
C CYS A 482 2.90 15.14 11.86
N ASN A 483 2.11 15.99 11.20
CA ASN A 483 2.59 16.74 10.05
C ASN A 483 1.97 18.13 10.07
N GLY A 484 2.33 18.96 9.11
CA GLY A 484 1.86 20.33 9.12
C GLY A 484 2.05 20.99 7.77
N CYS A 485 1.27 22.05 7.57
CA CYS A 485 1.38 22.92 6.42
C CYS A 485 1.46 24.36 6.89
N VAL A 486 2.43 25.09 6.37
CA VAL A 486 2.61 26.51 6.66
C VAL A 486 2.69 27.25 5.33
N VAL A 487 1.90 28.33 5.21
CA VAL A 487 1.97 29.23 4.07
C VAL A 487 3.05 30.27 4.35
N VAL A 488 3.91 30.51 3.36
CA VAL A 488 5.08 31.35 3.54
C VAL A 488 5.17 32.35 2.40
N SER A 489 5.94 33.41 2.64
CA SER A 489 6.14 34.45 1.67
C SER A 489 7.54 34.40 1.09
N ASP A 490 8.55 34.52 1.94
CA ASP A 490 9.97 34.42 1.51
C ASP A 490 10.32 32.94 1.45
N LEU A 491 10.68 32.48 0.28
CA LEU A 491 10.98 31.06 0.15
C LEU A 491 12.33 30.71 0.76
N SER A 492 13.40 31.44 0.38
CA SER A 492 14.75 31.04 0.76
C SER A 492 14.93 31.00 2.29
N VAL A 493 14.53 32.06 2.98
CA VAL A 493 14.70 32.10 4.44
C VAL A 493 13.84 31.02 5.11
N SER A 494 12.64 30.79 4.57
CA SER A 494 11.73 29.78 5.12
C SER A 494 12.32 28.38 4.98
N VAL A 495 12.82 28.06 3.78
CA VAL A 495 13.41 26.74 3.51
C VAL A 495 14.64 26.54 4.38
N GLN A 496 15.53 27.53 4.38
CA GLN A 496 16.76 27.43 5.16
C GLN A 496 16.44 27.20 6.63
N CYS A 497 15.46 27.93 7.16
CA CYS A 497 15.11 27.76 8.56
CA CYS A 497 15.12 27.75 8.57
C CYS A 497 14.46 26.40 8.81
N ALA A 498 13.57 25.98 7.92
CA ALA A 498 12.95 24.66 8.07
C ALA A 498 14.01 23.55 8.04
N LEU A 499 14.83 23.55 6.99
CA LEU A 499 15.82 22.48 6.83
C LEU A 499 16.84 22.49 7.96
N GLN A 500 17.46 23.65 8.23
CA GLN A 500 18.48 23.70 9.27
C GLN A 500 17.91 23.36 10.64
N HIS A 501 16.71 23.82 10.94
CA HIS A 501 16.14 23.51 12.26
C HIS A 501 15.80 22.02 12.36
N ALA A 502 15.32 21.43 11.27
CA ALA A 502 15.00 20.01 11.28
C ALA A 502 16.24 19.17 11.52
N LEU A 503 17.37 19.55 10.91
CA LEU A 503 18.60 18.77 11.02
C LEU A 503 19.11 18.69 12.46
N THR A 504 18.78 19.66 13.30
CA THR A 504 19.20 19.64 14.70
C THR A 504 18.08 19.26 15.66
N GLU A 505 16.94 18.81 15.14
CA GLU A 505 15.86 18.36 16.02
C GLU A 505 16.22 17.20 16.95
N PRO A 506 17.07 16.21 16.56
CA PRO A 506 17.76 15.95 15.28
C PRO A 506 16.96 15.11 14.29
N ALA A 507 17.07 15.46 13.00
CA ALA A 507 16.62 14.62 11.91
C ALA A 507 17.87 14.15 11.16
N GLU A 508 18.24 12.88 11.34
CA GLU A 508 19.45 12.37 10.71
C GLU A 508 19.41 12.56 9.20
N ARG A 509 18.23 12.42 8.59
CA ARG A 509 18.07 12.55 7.14
C ARG A 509 16.77 13.27 6.83
N VAL A 510 16.82 14.16 5.84
CA VAL A 510 15.67 14.95 5.43
C VAL A 510 15.47 14.79 3.94
N LEU A 511 14.28 14.34 3.55
CA LEU A 511 13.88 14.31 2.15
C LEU A 511 13.19 15.61 1.80
N VAL A 512 13.68 16.31 0.79
CA VAL A 512 13.07 17.55 0.33
C VAL A 512 12.42 17.28 -1.02
N VAL A 513 11.15 17.67 -1.15
CA VAL A 513 10.39 17.55 -2.38
C VAL A 513 9.93 18.94 -2.77
N TYR A 514 10.46 19.45 -3.88
CA TYR A 514 10.31 20.84 -4.26
C TYR A 514 9.68 20.90 -5.64
N VAL A 515 8.54 21.56 -5.74
CA VAL A 515 7.89 21.83 -7.02
C VAL A 515 8.16 23.29 -7.36
N GLY A 516 8.98 23.51 -8.37
CA GLY A 516 9.36 24.85 -8.76
C GLY A 516 10.74 24.85 -9.38
N ASP A 517 11.05 25.94 -10.06
CA ASP A 517 12.35 26.16 -10.68
C ASP A 517 13.23 26.98 -9.75
N GLY A 518 14.48 27.16 -10.17
CA GLY A 518 15.44 27.91 -9.37
C GLY A 518 16.25 27.02 -8.46
N GLU A 519 17.19 27.66 -7.76
CA GLU A 519 18.05 26.99 -6.81
C GLU A 519 17.55 27.25 -5.39
N LEU A 520 17.58 26.23 -4.56
CA LEU A 520 17.19 26.37 -3.18
C LEU A 520 18.43 26.35 -2.28
N PRO A 521 18.38 27.03 -1.14
CA PRO A 521 19.51 26.94 -0.20
C PRO A 521 19.59 25.57 0.46
N VAL A 522 19.76 24.52 -0.34
CA VAL A 522 19.77 23.14 0.12
C VAL A 522 21.06 22.47 -0.36
N LYS A 523 21.88 21.99 0.58
CA LYS A 523 23.14 21.30 0.28
C LYS A 523 22.91 19.79 0.28
N THR A 524 23.21 19.14 -0.85
CA THR A 524 23.04 17.70 -0.94
C THR A 524 24.37 16.98 -1.11
N ASN A 525 25.35 17.32 -0.27
CA ASN A 525 26.71 16.83 -0.46
C ASN A 525 27.20 15.90 0.63
N ASP A 526 26.46 15.72 1.73
CA ASP A 526 26.95 14.95 2.86
C ASP A 526 26.09 13.73 3.19
N GLY A 527 25.09 13.43 2.37
CA GLY A 527 24.22 12.30 2.61
C GLY A 527 23.12 12.51 3.62
N LYS A 528 22.96 13.72 4.17
CA LYS A 528 21.86 13.94 5.10
C LYS A 528 20.60 14.46 4.42
N VAL A 529 20.68 14.87 3.17
CA VAL A 529 19.56 15.48 2.45
C VAL A 529 19.49 14.85 1.07
N PHE A 530 18.29 14.41 0.68
CA PHE A 530 17.99 14.08 -0.71
C PHE A 530 16.95 15.05 -1.24
N LEU A 531 17.22 15.62 -2.40
CA LEU A 531 16.36 16.61 -3.02
C LEU A 531 15.67 16.01 -4.24
N VAL A 532 14.34 15.99 -4.20
CA VAL A 532 13.52 15.75 -5.38
C VAL A 532 13.01 17.10 -5.87
N GLN A 533 13.26 17.42 -7.14
CA GLN A 533 12.80 18.67 -7.71
C GLN A 533 11.94 18.38 -8.95
N ILE A 534 10.70 18.85 -8.92
CA ILE A 534 9.82 18.84 -10.09
C ILE A 534 9.86 20.24 -10.67
N CYS A 535 10.52 20.39 -11.80
CA CYS A 535 10.70 21.70 -12.41
C CYS A 535 10.18 21.70 -13.85
N THR A 536 10.28 22.85 -14.49
CA THR A 536 9.84 23.03 -15.86
C THR A 536 10.97 23.15 -16.87
N LYS A 537 12.15 23.62 -16.44
CA LYS A 537 13.31 23.74 -17.30
C LYS A 537 14.18 22.50 -17.14
N GLU A 538 14.56 21.89 -18.26
CA GLU A 538 15.42 20.71 -18.22
C GLU A 538 16.82 21.13 -17.79
N THR A 539 17.34 20.48 -16.75
CA THR A 539 18.61 20.87 -16.15
C THR A 539 19.47 19.64 -15.89
N GLU A 540 20.78 19.81 -16.05
CA GLU A 540 21.72 18.71 -15.86
C GLU A 540 21.78 18.29 -14.40
N ASP A 541 21.60 16.99 -14.16
CA ASP A 541 21.79 16.41 -12.84
C ASP A 541 23.20 15.84 -12.74
N LYS A 542 23.92 16.20 -11.67
CA LYS A 542 25.25 15.66 -11.43
C LYS A 542 25.41 15.00 -10.07
N CYS A 543 24.56 15.30 -9.10
CA CYS A 543 24.59 14.71 -7.78
C CYS A 543 23.68 13.47 -7.76
N VAL A 544 24.15 12.39 -7.12
CA VAL A 544 23.27 11.23 -6.97
C VAL A 544 22.41 11.40 -5.73
N ASN A 545 22.45 12.60 -5.13
CA ASN A 545 21.57 12.91 -3.99
C ASN A 545 20.46 13.85 -4.47
N ARG A 546 20.30 13.97 -5.78
CA ARG A 546 19.28 14.82 -6.38
C ARG A 546 18.58 14.03 -7.48
N LEU A 547 17.27 14.24 -7.59
CA LEU A 547 16.46 13.72 -8.67
C LEU A 547 15.67 14.91 -9.22
N THR A 548 16.03 15.36 -10.41
CA THR A 548 15.35 16.49 -11.03
C THR A 548 14.47 15.96 -12.16
N LEU A 549 13.19 16.28 -12.09
CA LEU A 549 12.20 15.82 -13.07
C LEU A 549 11.69 17.05 -13.80
N CYS A 550 12.11 17.20 -15.06
CA CYS A 550 11.57 18.23 -15.95
C CYS A 550 10.51 17.56 -16.80
N LEU A 551 9.25 17.78 -16.45
CA LEU A 551 8.14 17.18 -17.17
C LEU A 551 7.62 18.15 -18.21
N ARG A 552 7.53 17.68 -19.46
CA ARG A 552 7.01 18.49 -20.54
C ARG A 552 5.58 18.93 -20.23
N GLU A 553 5.32 20.23 -20.38
CA GLU A 553 3.98 20.76 -20.17
C GLU A 553 3.02 20.21 -21.23
N GLY A 554 1.82 19.86 -20.80
CA GLY A 554 0.84 19.32 -21.70
C GLY A 554 -0.24 18.58 -20.94
N GLU A 555 -1.14 17.96 -21.72
CA GLU A 555 -2.19 17.12 -21.13
C GLU A 555 -1.61 15.88 -20.46
N SER A 556 -0.37 15.52 -20.79
CA SER A 556 0.24 14.29 -20.32
C SER A 556 1.05 14.45 -19.04
N LEU A 557 1.12 15.65 -18.48
CA LEU A 557 1.94 15.87 -17.29
C LEU A 557 1.45 15.04 -16.12
N THR A 558 0.15 14.71 -16.08
CA THR A 558 -0.36 13.96 -14.94
C THR A 558 0.11 12.50 -14.96
N ALA A 559 -0.02 11.84 -16.11
CA ALA A 559 0.43 10.45 -16.20
C ALA A 559 1.94 10.33 -16.02
N GLY A 560 2.69 11.28 -16.58
CA GLY A 560 4.14 11.23 -16.41
C GLY A 560 4.56 11.43 -14.97
N PHE A 561 3.95 12.40 -14.30
CA PHE A 561 4.23 12.61 -12.87
C PHE A 561 3.93 11.35 -12.06
N MET A 562 2.78 10.69 -12.32
CA MET A 562 2.49 9.45 -11.61
C MET A 562 3.52 8.38 -11.94
N GLN A 563 3.97 8.33 -13.20
CA GLN A 563 5.04 7.42 -13.59
C GLN A 563 6.29 7.68 -12.75
N ALA A 564 6.71 8.94 -12.65
CA ALA A 564 7.89 9.29 -11.88
C ALA A 564 7.70 9.02 -10.39
N LEU A 565 6.49 9.29 -9.88
CA LEU A 565 6.25 9.15 -8.45
C LEU A 565 6.42 7.70 -8.01
N LEU A 566 5.79 6.77 -8.71
CA LEU A 566 5.82 5.38 -8.29
C LEU A 566 7.13 4.68 -8.66
N GLY A 567 7.74 5.05 -9.78
CA GLY A 567 8.88 4.33 -10.30
C GLY A 567 10.24 4.94 -10.01
N LEU A 568 10.27 6.23 -9.64
CA LEU A 568 11.51 6.91 -9.29
C LEU A 568 11.46 7.51 -7.89
N ILE A 569 10.49 8.38 -7.60
CA ILE A 569 10.51 9.11 -6.35
C ILE A 569 10.35 8.16 -5.16
N LEU A 570 9.32 7.30 -5.20
CA LEU A 570 9.09 6.44 -4.05
C LEU A 570 10.21 5.42 -3.83
N PRO A 571 10.72 4.73 -4.86
CA PRO A 571 11.88 3.84 -4.61
C PRO A 571 13.05 4.54 -3.92
N VAL A 572 13.44 5.72 -4.39
CA VAL A 572 14.55 6.41 -3.74
C VAL A 572 14.17 6.85 -2.33
N ALA A 573 12.98 7.42 -2.16
CA ALA A 573 12.57 7.90 -0.84
C ALA A 573 12.58 6.78 0.19
N TYR A 574 12.04 5.61 -0.17
CA TYR A 574 12.02 4.48 0.74
C TYR A 574 13.43 4.01 1.10
N GLU A 575 14.33 3.99 0.12
CA GLU A 575 15.70 3.56 0.42
C GLU A 575 16.42 4.60 1.30
N PHE A 576 16.25 5.87 0.99
CA PHE A 576 16.81 6.96 1.81
C PHE A 576 16.35 6.85 3.26
N ASN A 577 15.09 6.50 3.46
CA ASN A 577 14.48 6.36 4.81
C ASN A 577 14.69 7.66 5.59
N PRO A 578 14.09 8.80 5.20
CA PRO A 578 14.31 10.05 5.92
C PRO A 578 13.57 10.06 7.25
N ALA A 579 14.04 10.92 8.15
CA ALA A 579 13.35 11.18 9.41
C ALA A 579 12.31 12.29 9.28
N LEU A 580 12.33 13.06 8.20
CA LEU A 580 11.37 14.12 7.96
C LEU A 580 11.32 14.38 6.47
N VAL A 581 10.12 14.70 5.97
CA VAL A 581 9.91 15.09 4.58
C VAL A 581 9.56 16.56 4.57
N LEU A 582 10.23 17.33 3.73
CA LEU A 582 9.98 18.76 3.61
C LEU A 582 9.47 19.03 2.20
N GLY A 583 8.17 19.31 2.08
CA GLY A 583 7.59 19.70 0.81
C GLY A 583 7.60 21.21 0.64
N ILE A 584 7.89 21.64 -0.60
CA ILE A 584 8.00 23.06 -0.95
C ILE A 584 7.38 23.26 -2.31
N VAL A 585 6.48 24.24 -2.42
CA VAL A 585 5.81 24.59 -3.68
C VAL A 585 5.92 26.10 -3.87
N GLU A 586 6.61 26.52 -4.93
CA GLU A 586 6.71 27.93 -5.24
C GLU A 586 5.43 28.41 -5.93
N GLU A 587 5.22 29.73 -5.90
CA GLU A 587 3.94 30.29 -6.31
C GLU A 587 3.66 30.04 -7.79
N THR A 588 4.68 30.09 -8.62
CA THR A 588 4.54 29.79 -10.05
C THR A 588 4.13 28.33 -10.27
N ARG A 593 -0.51 25.11 -10.47
CA ARG A 593 -1.51 25.34 -11.50
C ARG A 593 -1.93 24.04 -12.19
N LEU A 594 -1.01 23.08 -12.27
CA LEU A 594 -1.24 21.81 -12.96
C LEU A 594 -0.85 20.63 -12.09
N MET A 595 -1.11 20.75 -10.80
CA MET A 595 -0.75 19.63 -9.93
C MET A 595 -1.95 18.94 -9.30
N ARG A 596 -2.83 18.36 -10.14
CA ARG A 596 -3.90 17.45 -9.73
C ARG A 596 -3.26 16.15 -9.26
N VAL A 597 -1.97 16.21 -8.95
CA VAL A 597 -1.20 15.08 -8.47
C VAL A 597 -0.79 15.23 -7.00
N TRP A 598 -0.91 16.44 -6.45
CA TRP A 598 -0.29 16.75 -5.17
C TRP A 598 -0.86 15.89 -4.05
N GLY A 599 -2.17 15.59 -4.11
CA GLY A 599 -2.78 14.82 -3.05
C GLY A 599 -2.27 13.39 -3.01
N HIS A 600 -2.11 12.79 -4.19
CA HIS A 600 -1.51 11.45 -4.26
C HIS A 600 -0.10 11.45 -3.72
N MET A 601 0.70 12.44 -4.12
CA MET A 601 2.05 12.58 -3.60
C MET A 601 2.04 12.74 -2.09
N THR A 602 1.27 13.71 -1.58
CA THR A 602 1.21 13.93 -0.15
C THR A 602 0.77 12.67 0.58
N CYS A 603 -0.15 11.94 -0.02
CA CYS A 603 -0.63 10.72 0.65
C CYS A 603 0.43 9.63 0.62
N LEU A 604 1.03 9.35 -0.53
CA LEU A 604 1.99 8.26 -0.64
C LEU A 604 3.29 8.56 0.10
N ILE A 605 3.77 9.80 0.03
CA ILE A 605 5.01 10.20 0.70
C ILE A 605 4.91 10.15 2.21
N GLN A 606 3.71 10.06 2.78
CA GLN A 606 3.58 9.84 4.22
C GLN A 606 3.90 8.41 4.63
N GLY A 607 4.19 7.53 3.67
CA GLY A 607 4.80 6.26 4.03
C GLY A 607 6.20 6.40 4.57
N LEU A 608 6.82 7.56 4.35
CA LEU A 608 8.15 7.87 4.84
C LEU A 608 8.09 8.67 6.14
N ALA A 609 9.14 8.53 6.96
CA ALA A 609 9.38 9.38 8.13
C ALA A 609 8.21 9.34 9.12
N ARG A 610 7.62 8.16 9.32
CA ARG A 610 6.46 7.99 10.20
C ARG A 610 5.36 9.02 9.90
N GLY A 611 5.26 9.47 8.65
CA GLY A 611 4.26 10.46 8.27
C GLY A 611 4.61 11.89 8.61
N ARG A 612 5.83 12.16 9.06
CA ARG A 612 6.23 13.50 9.49
C ARG A 612 6.64 14.30 8.27
N MET A 613 5.68 15.05 7.72
CA MET A 613 5.90 15.91 6.57
C MET A 613 5.53 17.35 6.92
N LEU A 614 6.43 18.28 6.62
CA LEU A 614 6.15 19.71 6.69
C LEU A 614 6.09 20.26 5.27
N THR A 615 4.96 20.84 4.91
CA THR A 615 4.79 21.44 3.58
C THR A 615 4.79 22.96 3.69
N LEU A 616 5.66 23.60 2.92
CA LEU A 616 5.72 25.06 2.80
C LEU A 616 5.12 25.45 1.47
N LEU A 617 3.98 26.13 1.50
CA LEU A 617 3.33 26.64 0.29
C LEU A 617 3.65 28.13 0.19
N GLN A 618 4.24 28.54 -0.94
CA GLN A 618 4.57 29.93 -1.18
C GLN A 618 3.37 30.65 -1.76
N GLY A 619 2.88 31.67 -1.06
CA GLY A 619 1.68 32.38 -1.48
C GLY A 619 0.43 31.62 -1.12
N TYR A 620 -0.69 32.33 -0.97
CA TYR A 620 -1.95 31.69 -0.60
C TYR A 620 -2.67 31.21 -1.86
N ASP A 621 -2.96 29.91 -1.89
CA ASP A 621 -3.86 29.33 -2.88
C ASP A 621 -4.90 28.56 -2.09
N LYS A 622 -6.14 29.07 -2.05
CA LYS A 622 -7.17 28.47 -1.21
C LYS A 622 -7.31 26.98 -1.48
N ASP A 623 -7.36 26.60 -2.76
CA ASP A 623 -7.58 25.21 -3.12
C ASP A 623 -6.38 24.34 -2.78
N LEU A 624 -5.17 24.77 -3.17
CA LEU A 624 -3.98 23.97 -2.91
C LEU A 624 -3.77 23.77 -1.41
N LEU A 625 -4.06 24.80 -0.61
CA LEU A 625 -3.94 24.64 0.83
C LEU A 625 -4.96 23.65 1.36
N GLU A 626 -6.20 23.71 0.87
CA GLU A 626 -7.21 22.77 1.35
C GLU A 626 -6.89 21.35 0.90
N LEU A 627 -6.40 21.19 -0.32
CA LEU A 627 -6.01 19.86 -0.80
C LEU A 627 -4.82 19.32 0.00
N THR A 628 -3.83 20.17 0.27
CA THR A 628 -2.67 19.74 1.05
C THR A 628 -3.09 19.30 2.45
N VAL A 629 -3.89 20.12 3.14
CA VAL A 629 -4.35 19.77 4.49
C VAL A 629 -5.17 18.48 4.45
N SER A 630 -6.01 18.33 3.43
CA SER A 630 -6.87 17.14 3.36
C SER A 630 -6.03 15.87 3.26
N ALA A 631 -5.03 15.87 2.38
CA ALA A 631 -4.19 14.68 2.23
C ALA A 631 -3.31 14.48 3.47
N LEU A 632 -2.73 15.55 4.00
CA LEU A 632 -1.92 15.42 5.22
C LEU A 632 -2.72 14.83 6.38
N SER A 633 -4.00 15.19 6.48
CA SER A 633 -4.83 14.78 7.61
C SER A 633 -5.37 13.37 7.47
N GLY A 634 -5.10 12.70 6.34
CA GLY A 634 -5.55 11.33 6.16
C GLY A 634 -6.89 11.19 5.49
N ALA A 635 -7.43 12.27 4.92
CA ALA A 635 -8.68 12.17 4.19
C ALA A 635 -8.46 11.34 2.92
N SER A 636 -9.56 10.79 2.40
CA SER A 636 -9.47 10.00 1.19
C SER A 636 -9.18 10.92 -0.01
N ILE A 637 -8.57 10.34 -1.04
CA ILE A 637 -8.08 11.09 -2.20
C ILE A 637 -8.98 10.80 -3.38
N SER A 638 -9.35 11.85 -4.11
CA SER A 638 -10.20 11.67 -5.29
C SER A 638 -9.42 10.94 -6.39
N PRO A 639 -10.06 9.97 -7.06
CA PRO A 639 -9.34 9.21 -8.07
C PRO A 639 -8.86 10.10 -9.20
N LEU A 640 -7.85 9.62 -9.92
CA LEU A 640 -7.31 10.38 -11.04
C LEU A 640 -8.12 10.14 -12.30
N GLY A 641 -8.81 9.01 -12.40
CA GLY A 641 -9.53 8.65 -13.59
C GLY A 641 -8.60 8.30 -14.74
N PRO A 642 -8.92 8.79 -15.94
CA PRO A 642 -8.09 8.48 -17.12
C PRO A 642 -7.15 9.63 -17.49
N LEU A 643 -5.99 9.28 -18.03
CA LEU A 643 -4.99 10.26 -18.42
C LEU A 643 -4.37 9.88 -19.75
N ARG A 644 -4.10 10.89 -20.56
CA ARG A 644 -3.27 10.70 -21.75
C ARG A 644 -1.92 10.14 -21.33
N ALA A 645 -1.58 8.95 -21.87
CA ALA A 645 -0.35 8.22 -21.56
C ALA A 645 0.86 9.15 -21.68
N PRO A 646 1.97 8.86 -20.97
CA PRO A 646 3.06 9.84 -20.90
C PRO A 646 3.73 10.04 -22.24
N LYS A 647 4.28 11.24 -22.42
CA LYS A 647 5.05 11.56 -23.62
C LYS A 647 6.32 10.71 -23.67
N PRO A 648 6.70 10.22 -24.85
CA PRO A 648 7.97 9.47 -24.94
C PRO A 648 9.17 10.26 -24.45
N GLU A 649 9.18 11.58 -24.70
CA GLU A 649 10.22 12.44 -24.14
C GLU A 649 10.27 12.34 -22.61
N ASP A 650 9.11 12.17 -21.97
CA ASP A 650 9.09 12.05 -20.52
C ASP A 650 9.60 10.69 -20.06
N VAL A 651 9.13 9.61 -20.68
CA VAL A 651 9.61 8.28 -20.33
C VAL A 651 11.11 8.18 -20.55
N GLU A 652 11.59 8.75 -21.66
CA GLU A 652 13.03 8.79 -21.90
C GLU A 652 13.75 9.52 -20.78
N MET A 653 13.26 10.72 -20.42
CA MET A 653 13.89 11.49 -19.34
C MET A 653 13.89 10.70 -18.03
N MET A 654 12.79 10.01 -17.74
CA MET A 654 12.71 9.26 -16.49
C MET A 654 13.66 8.07 -16.48
N GLU A 655 13.79 7.38 -17.61
CA GLU A 655 14.68 6.21 -17.63
C GLU A 655 16.15 6.62 -17.61
N LYS A 656 16.49 7.79 -18.16
CA LYS A 656 17.83 8.32 -17.96
C LYS A 656 18.10 8.57 -16.48
N GLN A 657 17.09 9.05 -15.74
CA GLN A 657 17.25 9.22 -14.30
C GLN A 657 17.49 7.87 -13.62
N ARG A 658 16.69 6.86 -13.97
CA ARG A 658 16.89 5.55 -13.37
C ARG A 658 18.28 5.02 -13.66
N GLN A 659 18.72 5.11 -14.92
CA GLN A 659 20.08 4.69 -15.26
C GLN A 659 21.10 5.44 -14.42
N ARG A 660 20.92 6.76 -14.26
CA ARG A 660 21.89 7.59 -13.56
C ARG A 660 21.91 7.31 -12.06
N LEU A 661 20.82 6.79 -11.49
CA LEU A 661 20.70 6.71 -10.03
C LEU A 661 20.69 5.30 -9.48
N GLN A 662 20.44 4.27 -10.30
CA GLN A 662 20.10 2.97 -9.72
C GLN A 662 21.29 2.23 -9.15
N GLU A 663 22.52 2.54 -9.55
CA GLU A 663 23.67 1.91 -8.88
C GLU A 663 23.82 2.43 -7.46
N ARG A 664 23.54 3.72 -7.23
CA ARG A 664 23.53 4.19 -5.83
C ARG A 664 22.27 3.74 -5.11
N TRP A 665 21.11 3.81 -5.78
CA TRP A 665 19.81 3.54 -5.17
C TRP A 665 19.21 2.30 -5.81
N GLY A 666 19.57 1.12 -5.28
CA GLY A 666 19.24 -0.13 -5.95
C GLY A 666 17.76 -0.45 -6.00
N LEU A 667 16.97 0.09 -5.06
CA LEU A 667 15.52 -0.11 -5.11
C LEU A 667 14.91 0.44 -6.39
N LEU A 668 15.64 1.28 -7.14
CA LEU A 668 15.18 1.72 -8.44
C LEU A 668 15.24 0.63 -9.52
N ARG A 669 15.97 -0.47 -9.27
CA ARG A 669 16.23 -1.46 -10.30
CA ARG A 669 16.22 -1.44 -10.33
C ARG A 669 14.96 -2.22 -10.66
N CYS A 670 14.66 -2.31 -11.96
CA CYS A 670 13.59 -3.16 -12.41
C CYS A 670 14.06 -4.13 -13.49
N THR A 671 15.37 -4.40 -13.55
CA THR A 671 16.00 -5.40 -14.41
C THR A 671 17.19 -6.00 -13.67
N VAL A 672 17.62 -7.18 -14.10
CA VAL A 672 18.86 -7.74 -13.53
C VAL A 672 20.05 -6.90 -13.99
N SER A 673 20.95 -6.61 -13.06
CA SER A 673 22.19 -5.90 -13.38
C SER A 673 23.01 -6.66 -14.41
N GLU A 674 23.65 -5.92 -15.32
CA GLU A 674 24.59 -6.51 -16.26
C GLU A 674 25.94 -6.71 -15.57
N SER A 675 26.36 -7.96 -15.43
CA SER A 675 27.62 -8.25 -14.78
C SER A 675 28.79 -8.12 -15.77
N TRP A 676 29.89 -7.55 -15.30
CA TRP A 676 31.09 -7.31 -16.12
C TRP A 676 31.63 -8.59 -16.76
#